data_7R02
#
_entry.id   7R02
#
_cell.length_a   78.852
_cell.length_b   111.105
_cell.length_c   227.233
_cell.angle_alpha   90.000
_cell.angle_beta   90.000
_cell.angle_gamma   90.000
#
_symmetry.space_group_name_H-M   'P 21 21 21'
#
loop_
_entity.id
_entity.type
_entity.pdbx_description
1 polymer Acetylcholinesterase
2 non-polymer ~{N}-[(~{E})-3-(diethylamino)prop-2-enyl]-4-methyl-3-nitro-benzamide
3 non-polymer 2-acetamido-2-deoxy-beta-D-glucopyranose
4 non-polymer 2-(2-METHOXYETHOXY)ETHANOL
5 non-polymer 1,2-ETHANEDIOL
6 non-polymer 2-[2-[2-[2-[2-[2-(2-methoxyethoxy)ethoxy]ethoxy]ethoxy]ethoxy]ethoxy]ethanol
7 water water
#
_entity_poly.entity_id   1
_entity_poly.type   'polypeptide(L)'
_entity_poly.pdbx_seq_one_letter_code
;EGREDPQLLVRVRGGQLRGIRLKAPGGPVSAFLGIPFAEPPVGSRRFMPPEPKRPWSGVLDATTFQNVCYQYVDTLYPGF
EGTEMWNPNRELSEDCLYLNVWTPYPRPASPTPVLIWIYGGGFYSGAASLDVYDGRFLAQVEGAVLVSMNYRVGTFGFLA
LPGSREAPGNVGLLDQRLALQWVQENIAAFGGDPMSVTLFGESAGAASVGMHILSLPSRSLFHRAVLQSGTPNGPWATVS
AGEARRRATLLARLVGCPPGGAGGNDTELIACLRTRPAQDLVDHEWHVLPQESIFRFSFVPVVDGDFLSDTPEALINTGD
FQDLQVLVGVVKDEGSYFLVYGVPGFSKDNESLISRAQFLAGVRIGVPQASDLAAEAVVLHYTDWLHPEDPTHLRDAMSA
VVGDHNVVCPVAQLAGRLAAQGARVYAYIFEHRASTLTWPLWMGVPHGYEIEFIFGLPLDPSLNYTTEERIFAQRLMKYW
TNFARTGDPNDPRDSKSPQWPPYTTAAQQYVSLNLKPLEVRRGLRAQTCAFWNRFLPKLLSAT
;
_entity_poly.pdbx_strand_id   A,B
#
# COMPACT_ATOMS: atom_id res chain seq x y z
N GLU A 1 35.43 59.84 3.97
CA GLU A 1 34.46 59.77 2.88
C GLU A 1 34.45 61.11 2.13
N GLY A 2 33.42 61.32 1.32
CA GLY A 2 33.28 62.56 0.60
C GLY A 2 33.15 62.35 -0.88
N ARG A 3 33.88 61.38 -1.42
CA ARG A 3 33.85 61.07 -2.84
C ARG A 3 33.12 59.78 -3.15
N GLU A 4 32.61 59.08 -2.14
CA GLU A 4 31.91 57.82 -2.32
C GLU A 4 30.43 58.04 -2.54
N ASP A 5 29.74 56.99 -2.99
CA ASP A 5 28.30 57.02 -3.14
C ASP A 5 27.67 57.16 -1.75
N PRO A 6 27.03 58.28 -1.43
CA PRO A 6 26.51 58.48 -0.07
C PRO A 6 25.39 57.54 0.29
N GLN A 7 24.84 56.82 -0.66
CA GLN A 7 23.72 55.96 -0.37
C GLN A 7 24.16 54.52 -0.15
N LEU A 8 25.48 54.29 -0.11
CA LEU A 8 26.07 52.99 0.22
C LEU A 8 26.77 52.98 1.58
N LEU A 9 26.54 53.98 2.42
CA LEU A 9 27.19 54.07 3.72
C LEU A 9 26.14 53.96 4.81
N VAL A 10 26.38 53.04 5.76
CA VAL A 10 25.40 52.66 6.78
C VAL A 10 26.15 52.32 8.06
N ARG A 11 25.54 52.61 9.20
CA ARG A 11 26.09 52.23 10.49
C ARG A 11 25.23 51.12 11.10
N VAL A 12 25.89 50.06 11.60
CA VAL A 12 25.22 49.05 12.42
C VAL A 12 25.83 49.07 13.81
N ARG A 13 25.30 48.22 14.69
CA ARG A 13 25.72 48.20 16.09
C ARG A 13 27.24 48.12 16.26
N GLY A 14 27.92 47.41 15.36
CA GLY A 14 29.36 47.25 15.46
C GLY A 14 30.22 48.29 14.77
N GLY A 15 29.63 49.21 14.00
CA GLY A 15 30.39 50.25 13.35
C GLY A 15 29.84 50.54 11.96
N GLN A 16 30.66 51.26 11.18
CA GLN A 16 30.28 51.74 9.86
C GLN A 16 30.59 50.72 8.77
N LEU A 17 29.70 50.65 7.78
CA LEU A 17 29.83 49.73 6.66
C LEU A 17 29.78 50.50 5.35
N ARG A 18 30.52 50.01 4.36
CA ARG A 18 30.44 50.50 3.00
C ARG A 18 30.00 49.35 2.09
N GLY A 19 28.83 49.51 1.46
CA GLY A 19 28.31 48.51 0.56
C GLY A 19 28.65 48.83 -0.89
N ILE A 20 28.02 48.08 -1.78
CA ILE A 20 28.31 48.21 -3.20
C ILE A 20 26.99 48.26 -3.96
N ARG A 21 27.01 48.95 -5.09
CA ARG A 21 25.85 49.13 -5.93
C ARG A 21 25.92 48.08 -7.04
N LEU A 22 24.97 47.14 -7.04
CA LEU A 22 24.96 46.08 -8.03
C LEU A 22 23.93 46.36 -9.12
N LYS A 23 24.16 45.79 -10.30
CA LYS A 23 23.18 45.84 -11.37
C LYS A 23 22.27 44.62 -11.32
N ALA A 24 20.96 44.86 -11.28
CA ALA A 24 19.93 43.88 -11.54
C ALA A 24 19.27 44.22 -12.86
N PRO A 25 18.61 43.27 -13.51
CA PRO A 25 18.06 43.55 -14.86
C PRO A 25 17.20 44.81 -14.94
N GLY A 26 16.44 45.13 -13.91
CA GLY A 26 15.57 46.30 -13.94
C GLY A 26 16.11 47.55 -13.29
N GLY A 27 17.32 47.52 -12.72
CA GLY A 27 17.90 48.67 -12.08
C GLY A 27 18.84 48.27 -10.97
N PRO A 28 19.39 49.25 -10.26
CA PRO A 28 20.38 48.95 -9.21
C PRO A 28 19.75 48.45 -7.92
N VAL A 29 20.55 47.70 -7.17
CA VAL A 29 20.26 47.32 -5.79
C VAL A 29 21.49 47.63 -4.96
N SER A 30 21.29 47.68 -3.65
CA SER A 30 22.37 47.86 -2.70
C SER A 30 22.71 46.52 -2.06
N ALA A 31 23.99 46.17 -2.02
CA ALA A 31 24.46 44.95 -1.39
C ALA A 31 25.46 45.30 -0.30
N PHE A 32 25.31 44.66 0.85
CA PHE A 32 26.27 44.77 1.95
C PHE A 32 26.72 43.34 2.26
N LEU A 33 27.90 42.98 1.77
CA LEU A 33 28.37 41.60 1.75
C LEU A 33 29.53 41.40 2.72
N GLY A 34 29.53 40.26 3.40
CA GLY A 34 30.59 39.98 4.36
C GLY A 34 30.53 40.79 5.64
N ILE A 35 29.33 41.08 6.14
CA ILE A 35 29.19 41.75 7.44
C ILE A 35 29.43 40.74 8.56
N PRO A 36 30.45 40.91 9.40
CA PRO A 36 30.67 39.96 10.50
C PRO A 36 29.62 40.12 11.58
N PHE A 37 29.05 39.00 12.03
CA PHE A 37 28.06 39.05 13.10
C PHE A 37 28.49 38.29 14.35
N ALA A 38 29.65 37.65 14.34
CA ALA A 38 30.15 36.93 15.50
C ALA A 38 31.66 37.10 15.58
N GLU A 39 32.21 36.90 16.76
CA GLU A 39 33.64 36.72 16.87
C GLU A 39 34.04 35.47 16.07
N PRO A 40 35.17 35.50 15.38
CA PRO A 40 35.61 34.32 14.62
C PRO A 40 35.71 33.10 15.53
N PRO A 41 34.96 32.05 15.24
CA PRO A 41 34.94 30.88 16.13
C PRO A 41 36.15 29.97 15.92
N VAL A 42 37.35 30.51 16.21
CA VAL A 42 38.60 29.84 15.88
C VAL A 42 39.34 29.51 17.18
N GLY A 43 40.32 28.60 17.06
CA GLY A 43 41.15 28.24 18.19
C GLY A 43 40.37 27.68 19.37
N SER A 44 40.48 28.32 20.52
CA SER A 44 39.76 27.91 21.72
C SER A 44 38.23 28.00 21.55
N ARG A 45 37.73 28.70 20.53
N ARG A 45 37.74 28.70 20.53
CA ARG A 45 36.30 28.82 20.33
CA ARG A 45 36.31 28.85 20.28
C ARG A 45 35.73 27.77 19.36
C ARG A 45 35.73 27.76 19.39
N ARG A 46 36.57 26.90 18.80
CA ARG A 46 36.05 25.82 17.97
C ARG A 46 35.11 24.94 18.79
N PHE A 47 33.95 24.63 18.22
CA PHE A 47 32.87 23.83 18.80
C PHE A 47 32.04 24.59 19.83
N MET A 48 32.41 25.87 20.21
CA MET A 48 31.75 26.71 21.20
C MET A 48 30.60 27.50 20.57
N PRO A 49 29.61 27.87 21.38
CA PRO A 49 28.59 28.81 20.88
C PRO A 49 29.24 30.10 20.42
N PRO A 50 28.62 30.78 19.46
CA PRO A 50 29.22 32.03 18.96
C PRO A 50 29.06 33.16 19.95
N GLU A 51 30.06 34.05 19.97
CA GLU A 51 29.97 35.30 20.71
C GLU A 51 29.71 36.45 19.76
N PRO A 52 28.90 37.43 20.17
CA PRO A 52 28.64 38.60 19.31
C PRO A 52 29.93 39.29 18.88
N LYS A 53 29.97 39.73 17.63
CA LYS A 53 31.14 40.42 17.10
C LYS A 53 31.39 41.71 17.87
N ARG A 54 32.66 41.91 18.29
CA ARG A 54 33.02 43.15 18.99
C ARG A 54 33.09 44.30 17.99
N PRO A 55 32.65 45.51 18.39
CA PRO A 55 32.67 46.66 17.48
C PRO A 55 34.04 46.88 16.84
N TRP A 56 34.02 47.31 15.58
CA TRP A 56 35.23 47.63 14.85
C TRP A 56 35.37 49.14 14.67
N SER A 57 36.56 49.57 14.29
CA SER A 57 36.82 50.97 14.01
C SER A 57 36.92 51.19 12.50
N GLY A 58 36.62 52.42 12.09
CA GLY A 58 36.64 52.79 10.70
C GLY A 58 35.47 52.20 9.93
N VAL A 59 35.53 52.38 8.61
CA VAL A 59 34.49 51.91 7.71
C VAL A 59 34.89 50.53 7.22
N LEU A 60 34.16 49.52 7.65
CA LEU A 60 34.37 48.17 7.17
C LEU A 60 33.89 48.05 5.73
N ASP A 61 34.73 47.50 4.86
CA ASP A 61 34.35 47.30 3.47
C ASP A 61 33.44 46.08 3.36
N ALA A 62 32.22 46.29 2.87
CA ALA A 62 31.24 45.22 2.74
C ALA A 62 30.84 45.04 1.29
N THR A 63 31.83 44.96 0.40
CA THR A 63 31.58 44.91 -1.03
C THR A 63 31.86 43.53 -1.63
N THR A 64 32.33 42.56 -0.85
CA THR A 64 32.60 41.22 -1.36
C THR A 64 32.18 40.17 -0.34
N PHE A 65 31.85 38.98 -0.86
CA PHE A 65 31.52 37.87 0.01
C PHE A 65 32.72 37.48 0.87
N GLN A 66 32.45 37.05 2.09
CA GLN A 66 33.50 36.58 2.98
C GLN A 66 33.72 35.07 2.84
N ASN A 67 34.65 34.55 3.65
CA ASN A 67 35.03 33.15 3.63
C ASN A 67 33.80 32.24 3.81
N VAL A 68 33.88 31.06 3.18
CA VAL A 68 32.93 29.96 3.38
C VAL A 68 33.37 29.12 4.58
N CYS A 69 32.41 28.71 5.41
CA CYS A 69 32.72 27.83 6.54
C CYS A 69 33.44 26.57 6.08
N TYR A 70 34.51 26.22 6.79
CA TYR A 70 35.30 25.04 6.41
C TYR A 70 34.39 23.83 6.25
N GLN A 71 34.53 23.12 5.13
CA GLN A 71 33.59 22.04 4.80
C GLN A 71 34.18 21.09 3.76
N TYR A 72 33.58 19.90 3.73
CA TYR A 72 33.84 18.93 2.67
C TYR A 72 33.48 19.53 1.31
N VAL A 73 34.32 19.28 0.31
CA VAL A 73 34.07 19.74 -1.07
C VAL A 73 33.78 18.53 -1.95
N ASP A 74 32.70 18.63 -2.72
CA ASP A 74 32.21 17.49 -3.50
C ASP A 74 33.09 17.30 -4.73
N THR A 75 33.58 16.06 -4.92
CA THR A 75 34.51 15.71 -5.98
C THR A 75 33.97 14.60 -6.90
N LEU A 76 32.67 14.30 -6.85
CA LEU A 76 32.14 13.16 -7.60
C LEU A 76 32.25 13.38 -9.10
N TYR A 77 31.84 14.54 -9.59
CA TYR A 77 31.92 14.87 -11.02
C TYR A 77 32.69 16.18 -11.14
N PRO A 78 34.02 16.12 -11.10
CA PRO A 78 34.81 17.36 -11.08
C PRO A 78 34.63 18.18 -12.35
N GLY A 79 34.34 19.47 -12.18
CA GLY A 79 34.15 20.38 -13.29
C GLY A 79 32.76 20.37 -13.90
N PHE A 80 31.87 19.50 -13.44
CA PHE A 80 30.50 19.46 -13.92
C PHE A 80 29.70 20.56 -13.26
N GLU A 81 29.03 21.38 -14.08
CA GLU A 81 28.21 22.48 -13.56
C GLU A 81 27.21 22.02 -12.49
N GLY A 82 26.59 20.84 -12.69
CA GLY A 82 25.54 20.42 -11.77
C GLY A 82 26.02 20.19 -10.36
N THR A 83 27.29 19.83 -10.19
CA THR A 83 27.87 19.75 -8.86
C THR A 83 28.60 21.03 -8.44
N GLU A 84 29.31 21.71 -9.35
CA GLU A 84 30.16 22.82 -8.92
C GLU A 84 29.35 24.00 -8.43
N MET A 85 28.13 24.19 -8.97
CA MET A 85 27.25 25.25 -8.51
C MET A 85 26.93 25.18 -7.03
N TRP A 86 27.18 24.04 -6.37
CA TRP A 86 26.94 23.93 -4.93
C TRP A 86 28.22 24.07 -4.10
N ASN A 87 29.38 24.05 -4.73
CA ASN A 87 30.65 24.02 -4.01
C ASN A 87 31.07 25.41 -3.52
N PRO A 88 31.97 25.48 -2.53
CA PRO A 88 32.42 26.79 -2.03
C PRO A 88 32.96 27.66 -3.15
N ASN A 89 32.53 28.92 -3.16
CA ASN A 89 33.02 29.88 -4.14
C ASN A 89 33.85 30.99 -3.49
N ARG A 90 34.25 30.83 -2.24
N ARG A 90 34.24 30.81 -2.24
CA ARG A 90 35.24 31.68 -1.59
CA ARG A 90 35.20 31.65 -1.55
C ARG A 90 36.09 30.79 -0.70
C ARG A 90 36.22 30.74 -0.86
N GLU A 91 37.20 31.35 -0.21
CA GLU A 91 38.15 30.58 0.57
C GLU A 91 37.47 29.89 1.75
N LEU A 92 37.89 28.65 2.01
CA LEU A 92 37.41 27.91 3.16
C LEU A 92 38.14 28.39 4.41
N SER A 93 37.39 28.63 5.47
CA SER A 93 38.00 29.11 6.71
C SER A 93 37.06 28.85 7.87
N GLU A 94 37.63 28.60 9.04
CA GLU A 94 36.83 28.60 10.26
C GLU A 94 36.36 30.01 10.61
N ASP A 95 37.07 31.05 10.13
CA ASP A 95 36.66 32.45 10.30
C ASP A 95 35.65 32.74 9.20
N CYS A 96 34.37 32.49 9.47
CA CYS A 96 33.41 32.48 8.38
C CYS A 96 32.05 33.00 8.80
N LEU A 97 31.88 33.49 10.03
CA LEU A 97 30.57 33.92 10.51
C LEU A 97 30.28 35.35 10.01
N TYR A 98 29.82 35.43 8.76
CA TYR A 98 29.48 36.70 8.13
C TYR A 98 28.10 36.57 7.49
N LEU A 99 27.43 37.70 7.29
CA LEU A 99 26.12 37.70 6.65
C LEU A 99 26.10 38.77 5.56
N ASN A 100 25.05 38.71 4.74
CA ASN A 100 24.91 39.54 3.55
C ASN A 100 23.53 40.16 3.53
N VAL A 101 23.44 41.40 3.03
CA VAL A 101 22.18 42.15 2.96
C VAL A 101 22.04 42.73 1.56
N TRP A 102 20.88 42.51 0.95
CA TRP A 102 20.49 43.17 -0.29
C TRP A 102 19.24 43.99 -0.04
N THR A 103 19.21 45.20 -0.54
CA THR A 103 18.08 46.12 -0.39
C THR A 103 17.89 46.86 -1.69
N PRO A 104 16.70 47.44 -1.91
CA PRO A 104 16.54 48.38 -3.03
C PRO A 104 17.56 49.49 -3.00
N TYR A 105 17.82 50.09 -4.16
CA TYR A 105 18.68 51.25 -4.29
C TYR A 105 17.86 52.37 -4.95
N PRO A 106 17.69 53.53 -4.31
CA PRO A 106 18.11 53.81 -2.91
C PRO A 106 17.33 52.97 -1.91
N ARG A 107 17.77 52.95 -0.66
CA ARG A 107 17.15 52.09 0.34
C ARG A 107 15.70 52.54 0.56
N PRO A 108 14.83 51.63 0.99
CA PRO A 108 13.39 51.93 0.97
C PRO A 108 12.99 53.03 1.95
N ALA A 109 11.86 53.66 1.63
CA ALA A 109 11.35 54.79 2.39
C ALA A 109 10.68 54.34 3.68
N SER A 110 9.77 53.39 3.58
CA SER A 110 8.99 52.75 4.63
C SER A 110 9.66 51.46 5.06
N PRO A 111 9.46 51.05 6.32
CA PRO A 111 10.00 49.77 6.77
C PRO A 111 9.47 48.61 5.93
N THR A 112 10.38 47.76 5.47
CA THR A 112 10.13 46.79 4.42
C THR A 112 10.26 45.37 4.95
N PRO A 113 9.33 44.48 4.63
CA PRO A 113 9.45 43.10 5.13
C PRO A 113 10.77 42.46 4.75
N VAL A 114 11.31 41.65 5.66
CA VAL A 114 12.64 41.08 5.53
C VAL A 114 12.51 39.59 5.26
N LEU A 115 13.31 39.08 4.33
CA LEU A 115 13.45 37.66 4.07
C LEU A 115 14.85 37.24 4.50
N ILE A 116 14.93 36.19 5.32
CA ILE A 116 16.21 35.65 5.78
C ILE A 116 16.38 34.25 5.20
N TRP A 117 17.44 34.07 4.41
CA TRP A 117 17.70 32.79 3.76
C TRP A 117 18.64 31.95 4.60
N ILE A 118 18.32 30.66 4.75
CA ILE A 118 19.19 29.70 5.41
C ILE A 118 19.50 28.58 4.43
N TYR A 119 20.74 28.53 3.95
CA TYR A 119 21.08 27.54 2.93
C TYR A 119 21.04 26.10 3.48
N GLY A 120 20.83 25.17 2.56
CA GLY A 120 20.98 23.76 2.84
C GLY A 120 22.37 23.27 2.49
N GLY A 121 22.49 21.96 2.39
CA GLY A 121 23.77 21.28 2.20
C GLY A 121 24.01 20.19 3.25
N GLY A 122 22.94 19.52 3.69
CA GLY A 122 23.05 18.38 4.59
C GLY A 122 23.68 18.65 5.95
N PHE A 123 23.78 19.92 6.35
CA PHE A 123 24.46 20.37 7.56
C PHE A 123 25.97 20.10 7.51
N TYR A 124 26.51 19.69 6.36
CA TYR A 124 27.94 19.52 6.19
C TYR A 124 28.54 20.45 5.16
N SER A 125 27.71 21.27 4.49
CA SER A 125 28.20 22.09 3.38
C SER A 125 27.23 23.25 3.18
N GLY A 126 27.59 24.13 2.26
CA GLY A 126 26.76 25.26 1.90
C GLY A 126 27.45 26.59 2.20
N ALA A 127 26.92 27.64 1.61
CA ALA A 127 27.45 29.00 1.78
C ALA A 127 26.38 29.99 1.34
N ALA A 128 26.31 31.13 2.01
CA ALA A 128 25.35 32.14 1.58
C ALA A 128 25.80 32.88 0.32
N SER A 129 27.02 32.63 -0.17
CA SER A 129 27.57 33.39 -1.28
C SER A 129 27.38 32.70 -2.63
N LEU A 130 26.69 31.57 -2.68
CA LEU A 130 26.49 30.87 -3.95
C LEU A 130 25.61 31.67 -4.89
N ASP A 131 25.89 31.53 -6.18
CA ASP A 131 25.14 32.25 -7.22
C ASP A 131 23.62 32.03 -7.10
N VAL A 132 23.18 30.80 -6.82
CA VAL A 132 21.74 30.52 -6.79
C VAL A 132 21.02 31.20 -5.64
N TYR A 133 21.77 31.78 -4.69
CA TYR A 133 21.17 32.48 -3.56
C TYR A 133 21.29 34.00 -3.73
N ASP A 134 21.53 34.47 -4.94
CA ASP A 134 21.74 35.89 -5.19
C ASP A 134 20.46 36.68 -4.88
N GLY A 135 20.53 37.51 -3.84
CA GLY A 135 19.38 38.29 -3.43
C GLY A 135 19.02 39.50 -4.28
N ARG A 136 19.76 39.80 -5.35
CA ARG A 136 19.55 41.06 -6.06
C ARG A 136 18.19 41.13 -6.75
N PHE A 137 17.66 40.00 -7.21
CA PHE A 137 16.42 40.01 -7.97
C PHE A 137 15.21 40.24 -7.08
N LEU A 138 15.16 39.58 -5.92
CA LEU A 138 14.08 39.85 -4.97
C LEU A 138 14.15 41.29 -4.48
N ALA A 139 15.35 41.78 -4.18
CA ALA A 139 15.50 43.16 -3.76
C ALA A 139 15.00 44.13 -4.82
N GLN A 140 15.45 43.93 -6.07
CA GLN A 140 15.08 44.87 -7.12
C GLN A 140 13.61 44.72 -7.53
N VAL A 141 13.20 43.50 -7.88
CA VAL A 141 11.89 43.38 -8.51
C VAL A 141 10.78 43.45 -7.48
N GLU A 142 10.96 42.83 -6.31
CA GLU A 142 9.92 42.86 -5.30
C GLU A 142 10.15 43.89 -4.20
N GLY A 143 11.30 44.56 -4.18
CA GLY A 143 11.54 45.56 -3.14
C GLY A 143 11.90 44.98 -1.81
N ALA A 144 12.24 43.69 -1.75
CA ALA A 144 12.49 43.02 -0.49
C ALA A 144 13.84 43.42 0.09
N VAL A 145 13.94 43.35 1.41
CA VAL A 145 15.24 43.30 2.09
C VAL A 145 15.55 41.83 2.31
N LEU A 146 16.68 41.37 1.80
CA LEU A 146 17.05 39.96 1.88
C LEU A 146 18.36 39.80 2.65
N VAL A 147 18.36 38.90 3.62
CA VAL A 147 19.52 38.62 4.46
C VAL A 147 19.87 37.15 4.34
N SER A 148 21.15 36.84 4.16
CA SER A 148 21.61 35.46 4.29
C SER A 148 22.85 35.43 5.16
N MET A 149 22.96 34.40 6.00
CA MET A 149 24.11 34.25 6.88
C MET A 149 24.85 32.95 6.58
N ASN A 150 26.17 32.98 6.78
CA ASN A 150 26.96 31.77 6.90
C ASN A 150 26.78 31.21 8.30
N TYR A 151 26.70 29.89 8.41
CA TYR A 151 26.69 29.25 9.71
C TYR A 151 27.61 28.04 9.64
N ARG A 152 28.21 27.68 10.77
CA ARG A 152 29.15 26.58 10.77
C ARG A 152 28.46 25.26 10.42
N VAL A 153 29.13 24.45 9.61
CA VAL A 153 28.60 23.14 9.23
C VAL A 153 29.59 22.05 9.64
N GLY A 154 29.21 20.80 9.40
CA GLY A 154 30.12 19.70 9.69
C GLY A 154 30.43 19.61 11.17
N THR A 155 31.62 19.07 11.48
CA THR A 155 32.03 18.99 12.88
C THR A 155 32.05 20.37 13.54
N PHE A 156 32.56 21.39 12.84
CA PHE A 156 32.66 22.73 13.44
C PHE A 156 31.30 23.25 13.88
N GLY A 157 30.25 22.89 13.16
CA GLY A 157 28.94 23.37 13.54
C GLY A 157 28.12 22.44 14.41
N PHE A 158 28.41 21.13 14.39
CA PHE A 158 27.48 20.20 14.98
C PHE A 158 28.09 19.04 15.75
N LEU A 159 29.40 18.92 15.80
CA LEU A 159 30.01 17.92 16.67
C LEU A 159 29.62 18.19 18.11
N ALA A 160 29.13 17.17 18.79
CA ALA A 160 28.59 17.36 20.13
C ALA A 160 29.04 16.24 21.05
N LEU A 161 29.48 16.63 22.24
CA LEU A 161 29.59 15.73 23.38
C LEU A 161 28.50 16.19 24.35
N PRO A 162 27.27 15.72 24.18
CA PRO A 162 26.12 16.34 24.85
C PRO A 162 26.30 16.39 26.36
N GLY A 163 26.06 17.56 26.94
CA GLY A 163 26.27 17.78 28.35
C GLY A 163 27.62 18.39 28.71
N SER A 164 28.59 18.37 27.79
CA SER A 164 29.86 19.03 28.04
C SER A 164 29.72 20.54 27.89
N ARG A 165 30.68 21.26 28.45
CA ARG A 165 30.69 22.71 28.25
C ARG A 165 31.49 23.11 27.01
N GLU A 166 32.43 22.28 26.56
CA GLU A 166 33.29 22.64 25.45
C GLU A 166 32.75 22.21 24.09
N ALA A 167 31.71 21.38 24.05
CA ALA A 167 31.07 20.97 22.79
C ALA A 167 29.62 20.64 23.05
N PRO A 168 28.80 21.66 23.34
CA PRO A 168 27.40 21.41 23.71
C PRO A 168 26.53 21.00 22.54
N GLY A 169 27.00 21.17 21.31
CA GLY A 169 26.25 20.81 20.12
C GLY A 169 25.35 21.93 19.65
N ASN A 170 24.86 21.79 18.42
CA ASN A 170 23.92 22.74 17.81
C ASN A 170 24.50 24.16 17.64
N VAL A 171 25.82 24.34 17.73
CA VAL A 171 26.35 25.71 17.67
C VAL A 171 26.13 26.30 16.28
N GLY A 172 26.03 25.46 15.25
CA GLY A 172 25.65 25.98 13.94
C GLY A 172 24.26 26.59 13.91
N LEU A 173 23.34 26.03 14.69
CA LEU A 173 22.02 26.64 14.84
C LEU A 173 22.10 27.92 15.66
N LEU A 174 23.00 27.99 16.64
CA LEU A 174 23.18 29.20 17.42
C LEU A 174 23.78 30.31 16.56
N ASP A 175 24.66 29.96 15.61
CA ASP A 175 25.13 30.92 14.61
C ASP A 175 23.96 31.56 13.88
N GLN A 176 23.00 30.72 13.43
CA GLN A 176 21.83 31.24 12.74
C GLN A 176 21.01 32.14 13.65
N ARG A 177 20.83 31.73 14.91
CA ARG A 177 20.06 32.54 15.83
C ARG A 177 20.73 33.90 16.06
N LEU A 178 22.06 33.92 16.17
CA LEU A 178 22.77 35.19 16.38
C LEU A 178 22.57 36.13 15.20
N ALA A 179 22.60 35.58 13.98
CA ALA A 179 22.28 36.38 12.80
C ALA A 179 20.84 36.90 12.86
N LEU A 180 19.92 36.10 13.41
N LEU A 180 19.92 36.09 13.38
CA LEU A 180 18.55 36.57 13.54
CA LEU A 180 18.55 36.56 13.56
C LEU A 180 18.46 37.70 14.56
C LEU A 180 18.48 37.71 14.54
N GLN A 181 19.25 37.63 15.64
CA GLN A 181 19.28 38.72 16.61
C GLN A 181 19.94 39.96 15.99
N TRP A 182 20.97 39.75 15.16
CA TRP A 182 21.59 40.84 14.45
C TRP A 182 20.57 41.56 13.57
N VAL A 183 19.72 40.80 12.86
CA VAL A 183 18.70 41.43 12.04
C VAL A 183 17.75 42.26 12.91
N GLN A 184 17.30 41.69 14.04
CA GLN A 184 16.43 42.45 14.93
C GLN A 184 17.05 43.78 15.34
N GLU A 185 18.34 43.78 15.65
CA GLU A 185 18.93 45.02 16.14
C GLU A 185 19.24 46.00 15.00
N ASN A 186 19.63 45.51 13.82
CA ASN A 186 20.29 46.35 12.83
C ASN A 186 19.57 46.52 11.51
N ILE A 187 18.59 45.69 11.18
CA ILE A 187 18.01 45.73 9.84
C ILE A 187 17.26 47.03 9.58
N ALA A 188 16.79 47.72 10.62
CA ALA A 188 16.16 49.02 10.42
C ALA A 188 17.12 50.04 9.80
N ALA A 189 18.42 49.89 10.03
CA ALA A 189 19.38 50.80 9.41
C ALA A 189 19.41 50.67 7.90
N PHE A 190 18.87 49.57 7.35
CA PHE A 190 18.83 49.34 5.92
C PHE A 190 17.44 49.63 5.34
N GLY A 191 16.52 50.16 6.14
CA GLY A 191 15.12 50.25 5.75
C GLY A 191 14.33 48.97 5.94
N GLY A 192 14.90 47.93 6.55
CA GLY A 192 14.14 46.70 6.80
C GLY A 192 13.28 46.78 8.05
N ASP A 193 12.17 46.03 8.03
CA ASP A 193 11.22 46.05 9.13
C ASP A 193 11.52 44.91 10.09
N PRO A 194 12.09 45.16 11.27
CA PRO A 194 12.37 44.06 12.20
C PRO A 194 11.11 43.38 12.73
N MET A 195 9.95 43.99 12.54
CA MET A 195 8.69 43.41 12.98
C MET A 195 8.00 42.60 11.89
N SER A 196 8.64 42.45 10.72
CA SER A 196 8.14 41.55 9.66
C SER A 196 9.33 40.78 9.06
N VAL A 197 9.69 39.67 9.72
CA VAL A 197 10.82 38.84 9.32
C VAL A 197 10.31 37.45 8.98
N THR A 198 10.61 36.99 7.77
CA THR A 198 10.22 35.67 7.28
C THR A 198 11.47 34.85 7.02
N LEU A 199 11.59 33.70 7.70
CA LEU A 199 12.69 32.79 7.42
C LEU A 199 12.34 31.90 6.23
N PHE A 200 13.31 31.64 5.37
CA PHE A 200 13.12 30.59 4.38
C PHE A 200 14.45 29.92 4.11
N GLY A 201 14.36 28.65 3.71
CA GLY A 201 15.52 27.80 3.52
C GLY A 201 15.11 26.50 2.86
N GLU A 202 16.11 25.82 2.31
CA GLU A 202 15.88 24.59 1.58
C GLU A 202 16.72 23.47 2.17
N SER A 203 16.16 22.26 2.16
CA SER A 203 16.76 21.01 2.64
C SER A 203 17.21 21.22 4.08
N ALA A 204 18.49 21.08 4.42
CA ALA A 204 18.91 21.34 5.79
C ALA A 204 18.59 22.77 6.25
N GLY A 205 18.58 23.73 5.32
CA GLY A 205 18.15 25.08 5.68
C GLY A 205 16.69 25.14 6.09
N ALA A 206 15.84 24.38 5.38
CA ALA A 206 14.45 24.21 5.79
C ALA A 206 14.34 23.54 7.16
N ALA A 207 15.08 22.43 7.35
CA ALA A 207 15.10 21.79 8.67
C ALA A 207 15.51 22.79 9.75
N SER A 208 16.48 23.66 9.43
CA SER A 208 16.90 24.70 10.36
C SER A 208 15.74 25.64 10.66
N VAL A 209 15.04 26.09 9.61
CA VAL A 209 13.88 26.94 9.85
C VAL A 209 12.90 26.26 10.79
N GLY A 210 12.67 24.95 10.59
CA GLY A 210 11.78 24.23 11.47
C GLY A 210 12.28 24.18 12.90
N MET A 211 13.59 24.11 13.09
CA MET A 211 14.11 24.06 14.45
C MET A 211 13.98 25.41 15.15
N HIS A 212 14.08 26.52 14.41
CA HIS A 212 13.81 27.81 15.03
C HIS A 212 12.35 27.94 15.41
N ILE A 213 11.45 27.34 14.64
CA ILE A 213 10.05 27.31 15.01
C ILE A 213 9.88 26.60 16.35
N LEU A 214 10.65 25.53 16.56
CA LEU A 214 10.46 24.65 17.69
C LEU A 214 11.27 25.05 18.93
N SER A 215 12.10 26.07 18.82
CA SER A 215 12.99 26.47 19.91
C SER A 215 12.55 27.83 20.45
N LEU A 216 12.11 27.85 21.69
CA LEU A 216 11.53 29.05 22.29
C LEU A 216 12.38 30.30 22.10
N PRO A 217 13.69 30.31 22.42
CA PRO A 217 14.46 31.56 22.24
C PRO A 217 14.46 32.11 20.81
N SER A 218 14.24 31.29 19.78
CA SER A 218 14.24 31.82 18.42
C SER A 218 12.91 32.44 18.03
N ARG A 219 11.82 32.11 18.74
CA ARG A 219 10.49 32.43 18.23
C ARG A 219 10.19 33.90 18.28
N SER A 220 10.87 34.66 19.15
CA SER A 220 10.74 36.11 19.17
C SER A 220 11.58 36.79 18.11
N LEU A 221 12.24 36.05 17.22
CA LEU A 221 13.13 36.66 16.23
C LEU A 221 12.59 36.60 14.81
N PHE A 222 11.39 36.07 14.62
CA PHE A 222 10.82 36.00 13.28
C PHE A 222 9.30 35.81 13.42
N HIS A 223 8.60 35.91 12.29
CA HIS A 223 7.14 35.93 12.34
C HIS A 223 6.49 34.91 11.42
N ARG A 224 7.17 34.52 10.35
CA ARG A 224 6.63 33.59 9.35
C ARG A 224 7.78 32.73 8.86
N ALA A 225 7.44 31.59 8.25
CA ALA A 225 8.44 30.60 7.91
C ALA A 225 8.11 29.90 6.61
N VAL A 226 9.14 29.65 5.78
CA VAL A 226 9.03 28.85 4.57
C VAL A 226 10.02 27.69 4.66
N LEU A 227 9.54 26.47 4.42
CA LEU A 227 10.36 25.25 4.47
C LEU A 227 10.30 24.58 3.12
N GLN A 228 11.40 24.65 2.37
CA GLN A 228 11.47 24.07 1.03
C GLN A 228 12.22 22.74 1.09
N SER A 229 11.50 21.63 0.87
CA SER A 229 12.11 20.29 0.76
C SER A 229 12.96 19.94 1.98
N GLY A 230 12.39 20.13 3.17
CA GLY A 230 13.07 19.75 4.38
C GLY A 230 12.25 20.11 5.59
N THR A 231 12.53 19.39 6.68
CA THR A 231 11.71 19.41 7.89
C THR A 231 12.61 19.12 9.08
N PRO A 232 12.28 19.61 10.26
CA PRO A 232 13.10 19.26 11.42
C PRO A 232 12.82 17.83 11.86
N ASN A 233 11.59 17.36 11.67
CA ASN A 233 11.26 15.97 11.89
C ASN A 233 11.79 15.13 10.71
N GLY A 234 11.69 13.81 10.84
CA GLY A 234 12.18 12.91 9.81
C GLY A 234 13.49 12.25 10.16
N PRO A 235 14.04 11.44 9.24
CA PRO A 235 15.11 10.51 9.62
C PRO A 235 16.54 11.06 9.60
N TRP A 236 16.78 12.25 9.04
CA TRP A 236 18.15 12.75 8.88
C TRP A 236 18.45 14.06 9.59
N ALA A 237 17.44 14.82 10.01
CA ALA A 237 17.70 16.19 10.44
C ALA A 237 18.25 16.29 11.87
N THR A 238 18.05 15.26 12.71
CA THR A 238 18.55 15.27 14.09
C THR A 238 19.16 13.91 14.43
N VAL A 239 19.92 13.88 15.53
CA VAL A 239 20.39 12.62 16.11
C VAL A 239 20.15 12.70 17.61
N SER A 240 20.03 11.53 18.23
CA SER A 240 19.97 11.45 19.67
C SER A 240 21.27 11.95 20.29
N ALA A 241 21.23 12.23 21.59
CA ALA A 241 22.44 12.59 22.31
C ALA A 241 23.43 11.44 22.32
N GLY A 242 22.95 10.22 22.56
CA GLY A 242 23.85 9.06 22.55
C GLY A 242 24.53 8.86 21.22
N GLU A 243 23.80 9.06 20.12
CA GLU A 243 24.39 8.85 18.79
C GLU A 243 25.38 9.96 18.46
N ALA A 244 25.07 11.20 18.84
CA ALA A 244 26.03 12.29 18.63
C ALA A 244 27.31 12.04 19.43
N ARG A 245 27.17 11.64 20.69
CA ARG A 245 28.33 11.29 21.51
C ARG A 245 29.16 10.21 20.85
N ARG A 246 28.50 9.16 20.33
CA ARG A 246 29.22 8.06 19.69
C ARG A 246 29.97 8.54 18.46
N ARG A 247 29.31 9.35 17.62
CA ARG A 247 29.96 9.87 16.42
C ARG A 247 31.11 10.82 16.75
N ALA A 248 30.93 11.69 17.75
CA ALA A 248 32.03 12.58 18.13
C ALA A 248 33.21 11.80 18.67
N THR A 249 32.94 10.72 19.41
CA THR A 249 34.03 9.96 20.02
C THR A 249 34.80 9.17 18.97
N LEU A 250 34.08 8.60 17.99
CA LEU A 250 34.75 7.90 16.90
C LEU A 250 35.61 8.85 16.08
N LEU A 251 35.05 10.00 15.70
CA LEU A 251 35.82 10.96 14.94
C LEU A 251 37.10 11.34 15.66
N ALA A 252 37.02 11.58 16.98
CA ALA A 252 38.21 11.87 17.77
C ALA A 252 39.23 10.75 17.67
N ARG A 253 38.78 9.50 17.77
CA ARG A 253 39.69 8.35 17.65
C ARG A 253 40.36 8.34 16.28
N LEU A 254 39.58 8.58 15.22
CA LEU A 254 40.12 8.54 13.86
C LEU A 254 41.16 9.62 13.60
N VAL A 255 41.11 10.75 14.31
CA VAL A 255 42.15 11.77 14.15
C VAL A 255 43.13 11.77 15.32
N GLY A 256 43.11 10.73 16.16
CA GLY A 256 44.18 10.53 17.12
C GLY A 256 43.98 11.12 18.50
N CYS A 257 42.74 11.38 18.90
CA CYS A 257 42.40 12.00 20.18
C CYS A 257 41.63 10.98 21.00
N PRO A 258 42.30 10.02 21.65
CA PRO A 258 41.57 8.93 22.30
C PRO A 258 40.89 9.37 23.61
N ASN A 265 36.94 11.58 29.87
CA ASN A 265 36.82 13.00 30.13
C ASN A 265 36.63 13.79 28.84
N ASP A 266 35.54 14.54 28.77
CA ASP A 266 35.22 15.28 27.55
C ASP A 266 36.17 16.45 27.32
N THR A 267 36.62 17.11 28.40
CA THR A 267 37.51 18.26 28.26
C THR A 267 38.78 17.91 27.48
N GLU A 268 39.46 16.83 27.89
CA GLU A 268 40.71 16.45 27.23
C GLU A 268 40.49 16.05 25.78
N LEU A 269 39.39 15.33 25.52
CA LEU A 269 39.09 14.93 24.15
C LEU A 269 38.84 16.15 23.27
N ILE A 270 37.99 17.06 23.72
CA ILE A 270 37.71 18.26 22.93
C ILE A 270 38.96 19.11 22.79
N ALA A 271 39.76 19.19 23.86
CA ALA A 271 40.99 19.98 23.79
C ALA A 271 41.93 19.43 22.72
N CYS A 272 42.02 18.11 22.62
CA CYS A 272 42.87 17.51 21.59
C CYS A 272 42.28 17.73 20.20
N LEU A 273 40.95 17.65 20.07
CA LEU A 273 40.31 17.96 18.80
C LEU A 273 40.61 19.39 18.35
N ARG A 274 40.66 20.33 19.30
N ARG A 274 40.66 20.33 19.28
CA ARG A 274 40.91 21.73 18.94
CA ARG A 274 40.90 21.72 18.91
C ARG A 274 42.32 21.94 18.40
C ARG A 274 42.32 21.96 18.42
N THR A 275 43.25 21.03 18.67
CA THR A 275 44.58 21.15 18.11
C THR A 275 44.68 20.54 16.71
N ARG A 276 43.62 19.88 16.23
CA ARG A 276 43.71 19.24 14.93
C ARG A 276 43.44 20.26 13.81
N PRO A 277 44.20 20.20 12.72
CA PRO A 277 43.90 21.06 11.57
C PRO A 277 42.49 20.81 11.06
N ALA A 278 41.86 21.89 10.59
CA ALA A 278 40.47 21.80 10.14
C ALA A 278 40.30 20.72 9.07
N GLN A 279 41.27 20.62 8.15
CA GLN A 279 41.13 19.68 7.06
C GLN A 279 41.14 18.24 7.55
N ASP A 280 41.88 17.94 8.62
CA ASP A 280 41.91 16.57 9.13
C ASP A 280 40.54 16.16 9.66
N LEU A 281 39.80 17.08 10.27
CA LEU A 281 38.44 16.77 10.71
C LEU A 281 37.53 16.51 9.52
N VAL A 282 37.61 17.36 8.49
CA VAL A 282 36.80 17.16 7.30
C VAL A 282 37.12 15.81 6.64
N ASP A 283 38.40 15.44 6.60
CA ASP A 283 38.81 14.22 5.91
C ASP A 283 38.27 12.94 6.57
N HIS A 284 37.81 13.01 7.82
CA HIS A 284 37.26 11.84 8.49
C HIS A 284 35.78 11.96 8.84
N GLU A 285 35.17 13.11 8.53
CA GLU A 285 33.79 13.37 8.91
C GLU A 285 32.84 12.28 8.40
N TRP A 286 32.99 11.89 7.15
CA TRP A 286 32.02 11.01 6.51
C TRP A 286 32.14 9.58 7.02
N HIS A 287 33.15 9.26 7.81
CA HIS A 287 33.49 7.88 8.15
C HIS A 287 32.88 7.41 9.47
N VAL A 288 32.00 8.20 10.09
CA VAL A 288 31.44 7.84 11.38
C VAL A 288 29.99 7.42 11.27
N LEU A 289 29.44 7.33 10.04
CA LEU A 289 28.03 6.94 9.90
C LEU A 289 27.86 5.48 10.31
N PRO A 290 26.77 5.14 11.00
CA PRO A 290 26.62 3.76 11.50
C PRO A 290 26.39 2.71 10.42
N GLN A 291 25.79 3.07 9.29
CA GLN A 291 25.62 2.11 8.19
C GLN A 291 25.92 2.79 6.86
N GLU A 292 26.21 1.97 5.87
CA GLU A 292 26.14 2.37 4.47
C GLU A 292 24.79 3.04 4.20
N SER A 293 24.81 4.31 3.80
CA SER A 293 23.58 5.06 3.71
C SER A 293 23.68 6.13 2.63
N ILE A 294 22.52 6.64 2.23
CA ILE A 294 22.42 7.91 1.53
C ILE A 294 21.40 8.75 2.28
N PHE A 295 21.47 10.08 2.07
CA PHE A 295 20.59 11.02 2.76
C PHE A 295 20.75 10.87 4.28
N ARG A 296 21.98 10.63 4.71
CA ARG A 296 22.33 10.62 6.12
C ARG A 296 23.60 11.43 6.27
N PHE A 297 23.67 12.23 7.31
CA PHE A 297 24.79 13.12 7.48
C PHE A 297 25.37 12.97 8.87
N SER A 298 26.70 12.98 8.96
CA SER A 298 27.40 12.62 10.18
C SER A 298 27.08 13.56 11.33
N PHE A 299 27.14 14.87 11.07
CA PHE A 299 27.09 15.87 12.15
C PHE A 299 25.96 16.86 11.87
N VAL A 300 24.87 16.69 12.61
CA VAL A 300 23.60 17.40 12.40
C VAL A 300 23.11 17.88 13.76
N PRO A 301 22.02 18.65 13.85
CA PRO A 301 21.49 19.03 15.16
C PRO A 301 21.24 17.82 16.06
N VAL A 302 21.49 18.03 17.34
CA VAL A 302 21.37 16.98 18.34
C VAL A 302 20.20 17.33 19.24
N VAL A 303 19.38 16.32 19.57
CA VAL A 303 18.33 16.51 20.57
C VAL A 303 18.98 16.60 21.94
N ASP A 304 19.31 17.83 22.36
CA ASP A 304 20.11 18.10 23.54
C ASP A 304 19.28 18.35 24.80
N GLY A 305 17.96 18.46 24.68
CA GLY A 305 17.17 18.95 25.80
C GLY A 305 17.33 20.43 26.07
N ASP A 306 17.97 21.18 25.18
CA ASP A 306 18.21 22.61 25.38
C ASP A 306 17.67 23.41 24.19
N PHE A 307 18.47 23.59 23.13
CA PHE A 307 17.93 24.13 21.89
C PHE A 307 16.68 23.37 21.46
N LEU A 308 16.75 22.04 21.44
CA LEU A 308 15.59 21.17 21.19
C LEU A 308 15.22 20.50 22.50
N SER A 309 14.12 20.93 23.11
CA SER A 309 13.75 20.40 24.41
C SER A 309 13.32 18.94 24.33
N ASP A 310 12.90 18.48 23.15
CA ASP A 310 12.53 17.09 22.90
C ASP A 310 12.75 16.83 21.42
N THR A 311 12.41 15.63 20.96
CA THR A 311 12.52 15.34 19.54
C THR A 311 11.56 16.25 18.77
N PRO A 312 11.89 16.60 17.52
CA PRO A 312 10.94 17.40 16.72
C PRO A 312 9.58 16.76 16.57
N GLU A 313 9.52 15.43 16.44
CA GLU A 313 8.24 14.74 16.34
C GLU A 313 7.38 14.97 17.58
N ALA A 314 7.98 14.85 18.76
CA ALA A 314 7.24 15.16 19.98
C ALA A 314 6.81 16.61 20.02
N LEU A 315 7.67 17.52 19.56
CA LEU A 315 7.36 18.94 19.69
C LEU A 315 6.29 19.37 18.70
N ILE A 316 6.31 18.82 17.47
CA ILE A 316 5.25 19.19 16.54
C ILE A 316 3.94 18.50 16.89
N ASN A 317 3.99 17.35 17.59
CA ASN A 317 2.77 16.65 17.97
C ASN A 317 2.02 17.34 19.09
N THR A 318 2.72 18.14 19.91
CA THR A 318 2.12 18.73 21.10
C THR A 318 2.23 20.26 21.19
N GLY A 319 2.87 20.92 20.24
CA GLY A 319 3.06 22.35 20.36
C GLY A 319 1.82 23.15 20.01
N ASP A 320 1.78 24.39 20.51
CA ASP A 320 0.76 25.37 20.13
C ASP A 320 1.30 26.22 18.97
N PHE A 321 0.58 26.22 17.86
CA PHE A 321 1.01 26.95 16.67
C PHE A 321 -0.11 27.83 16.11
N GLN A 322 -0.98 28.35 16.99
CA GLN A 322 -2.03 29.25 16.55
C GLN A 322 -1.46 30.48 15.87
N ASP A 323 -0.26 30.91 16.25
CA ASP A 323 0.33 32.15 15.79
C ASP A 323 1.09 32.01 14.48
N LEU A 324 1.23 30.81 13.96
CA LEU A 324 2.24 30.53 12.95
C LEU A 324 1.61 30.47 11.56
N GLN A 325 2.22 31.16 10.61
CA GLN A 325 1.96 30.98 9.18
C GLN A 325 3.19 30.35 8.54
N VAL A 326 2.99 29.24 7.83
CA VAL A 326 4.10 28.51 7.21
C VAL A 326 3.76 28.21 5.76
N LEU A 327 4.75 28.30 4.90
CA LEU A 327 4.69 27.78 3.54
C LEU A 327 5.68 26.63 3.43
N VAL A 328 5.20 25.45 2.97
CA VAL A 328 6.01 24.25 2.88
C VAL A 328 5.79 23.58 1.52
N GLY A 329 6.81 22.88 1.04
CA GLY A 329 6.62 22.19 -0.24
C GLY A 329 7.80 21.32 -0.61
N VAL A 330 7.63 20.65 -1.75
CA VAL A 330 8.57 19.65 -2.25
C VAL A 330 8.74 19.84 -3.76
N VAL A 331 9.86 19.34 -4.29
CA VAL A 331 10.03 19.24 -5.74
C VAL A 331 9.54 17.86 -6.18
N LYS A 332 9.41 17.65 -7.49
CA LYS A 332 8.79 16.43 -7.99
C LYS A 332 9.66 15.19 -7.77
N ASP A 333 10.99 15.32 -7.83
CA ASP A 333 11.87 14.14 -7.75
C ASP A 333 12.91 14.36 -6.64
N GLU A 334 12.42 14.39 -5.40
CA GLU A 334 13.30 14.65 -4.26
C GLU A 334 14.43 13.64 -4.17
N GLY A 335 14.21 12.40 -4.57
CA GLY A 335 15.18 11.37 -4.30
C GLY A 335 16.27 11.14 -5.34
N SER A 336 16.06 11.59 -6.57
CA SER A 336 16.91 11.10 -7.66
C SER A 336 18.37 11.53 -7.46
N TYR A 337 18.58 12.77 -7.02
CA TYR A 337 19.92 13.31 -6.80
C TYR A 337 20.77 12.40 -5.94
N PHE A 338 20.17 11.83 -4.90
CA PHE A 338 20.95 11.08 -3.92
C PHE A 338 21.39 9.72 -4.43
N LEU A 339 20.72 9.18 -5.46
CA LEU A 339 21.04 7.82 -5.90
C LEU A 339 22.44 7.72 -6.50
N VAL A 340 22.90 8.78 -7.19
CA VAL A 340 24.18 8.69 -7.89
C VAL A 340 25.37 8.90 -6.97
N TYR A 341 25.13 9.19 -5.69
CA TYR A 341 26.20 9.32 -4.72
C TYR A 341 26.35 8.09 -3.84
N GLY A 342 25.83 6.94 -4.28
CA GLY A 342 26.02 5.78 -3.43
C GLY A 342 25.34 4.48 -3.80
N VAL A 343 24.25 4.49 -4.55
CA VAL A 343 23.50 3.28 -4.87
C VAL A 343 24.13 2.65 -6.12
N PRO A 344 24.73 1.47 -6.02
CA PRO A 344 25.25 0.80 -7.22
C PRO A 344 24.17 0.72 -8.30
N GLY A 345 24.56 0.99 -9.55
CA GLY A 345 23.65 1.00 -10.67
C GLY A 345 23.26 2.38 -11.16
N PHE A 346 23.47 3.42 -10.37
CA PHE A 346 23.01 4.77 -10.71
C PHE A 346 24.19 5.64 -11.11
N SER A 347 24.03 6.35 -12.23
CA SER A 347 25.04 7.31 -12.71
C SER A 347 24.33 8.46 -13.39
N LYS A 348 24.96 9.64 -13.35
CA LYS A 348 24.43 10.74 -14.12
C LYS A 348 24.65 10.55 -15.61
N ASP A 349 25.57 9.64 -15.99
CA ASP A 349 26.01 9.49 -17.37
C ASP A 349 25.34 8.36 -18.14
N ASN A 350 24.48 7.57 -17.50
CA ASN A 350 23.65 6.64 -18.26
C ASN A 350 22.22 6.74 -17.71
N GLU A 351 21.35 5.88 -18.24
CA GLU A 351 19.93 5.87 -17.89
C GLU A 351 19.65 5.23 -16.54
N SER A 352 20.63 4.54 -15.93
CA SER A 352 20.50 3.98 -14.59
C SER A 352 19.33 2.99 -14.48
N LEU A 353 19.05 2.25 -15.54
CA LEU A 353 18.07 1.18 -15.44
C LEU A 353 18.66 0.04 -14.62
N ILE A 354 18.04 -0.28 -13.50
CA ILE A 354 18.63 -1.19 -12.53
C ILE A 354 17.86 -2.50 -12.52
N SER A 355 18.48 -3.52 -11.92
CA SER A 355 17.83 -4.81 -11.74
C SER A 355 17.03 -4.83 -10.44
N ARG A 356 16.18 -5.84 -10.30
CA ARG A 356 15.51 -6.06 -9.03
C ARG A 356 16.52 -6.24 -7.90
N ALA A 357 17.59 -7.00 -8.14
CA ALA A 357 18.61 -7.16 -7.11
C ALA A 357 19.19 -5.82 -6.70
N GLN A 358 19.46 -4.94 -7.67
CA GLN A 358 20.01 -3.63 -7.32
C GLN A 358 18.99 -2.77 -6.60
N PHE A 359 17.71 -2.96 -6.88
CA PHE A 359 16.67 -2.25 -6.13
C PHE A 359 16.66 -2.66 -4.65
N LEU A 360 16.71 -3.97 -4.38
CA LEU A 360 16.70 -4.43 -2.99
C LEU A 360 17.93 -3.93 -2.24
N ALA A 361 19.10 -4.02 -2.86
CA ALA A 361 20.32 -3.50 -2.24
C ALA A 361 20.20 -2.00 -2.01
N GLY A 362 19.55 -1.27 -2.95
CA GLY A 362 19.43 0.16 -2.80
C GLY A 362 18.47 0.56 -1.68
N VAL A 363 17.43 -0.26 -1.46
CA VAL A 363 16.51 0.01 -0.35
C VAL A 363 17.23 -0.09 0.98
N ARG A 364 18.16 -1.05 1.11
CA ARG A 364 18.93 -1.16 2.35
C ARG A 364 19.79 0.08 2.58
N ILE A 365 20.34 0.67 1.51
CA ILE A 365 21.17 1.86 1.64
C ILE A 365 20.30 3.08 1.88
N GLY A 366 19.19 3.21 1.17
CA GLY A 366 18.27 4.33 1.32
C GLY A 366 17.44 4.30 2.59
N VAL A 367 17.26 3.13 3.20
CA VAL A 367 16.54 3.04 4.47
C VAL A 367 17.45 2.34 5.46
N PRO A 368 18.59 2.93 5.80
CA PRO A 368 19.64 2.16 6.51
C PRO A 368 19.23 1.69 7.89
N GLN A 369 18.19 2.26 8.49
CA GLN A 369 17.71 1.83 9.80
C GLN A 369 16.71 0.68 9.72
N ALA A 370 16.34 0.24 8.53
CA ALA A 370 15.30 -0.79 8.40
C ALA A 370 15.83 -2.16 8.80
N SER A 371 15.09 -2.84 9.67
CA SER A 371 15.24 -4.29 9.80
C SER A 371 14.93 -4.96 8.47
N ASP A 372 15.14 -6.27 8.43
CA ASP A 372 14.85 -7.03 7.22
C ASP A 372 13.37 -6.99 6.87
N LEU A 373 12.50 -7.11 7.88
CA LEU A 373 11.06 -7.04 7.63
C LEU A 373 10.66 -5.66 7.13
N ALA A 374 11.15 -4.60 7.79
CA ALA A 374 10.82 -3.25 7.32
C ALA A 374 11.29 -3.05 5.89
N ALA A 375 12.50 -3.52 5.57
CA ALA A 375 12.99 -3.38 4.21
C ALA A 375 12.07 -4.08 3.23
N GLU A 376 11.70 -5.33 3.53
CA GLU A 376 10.82 -6.07 2.65
C GLU A 376 9.47 -5.38 2.51
N ALA A 377 8.97 -4.79 3.60
CA ALA A 377 7.74 -3.99 3.49
C ALA A 377 7.91 -2.85 2.48
N VAL A 378 9.06 -2.17 2.51
CA VAL A 378 9.31 -1.07 1.58
C VAL A 378 9.31 -1.60 0.15
N VAL A 379 10.07 -2.67 -0.09
CA VAL A 379 10.17 -3.29 -1.41
C VAL A 379 8.81 -3.77 -1.91
N LEU A 380 7.96 -4.25 -1.00
CA LEU A 380 6.65 -4.72 -1.43
C LEU A 380 5.74 -3.56 -1.78
N HIS A 381 5.80 -2.49 -0.99
CA HIS A 381 4.96 -1.33 -1.29
C HIS A 381 5.35 -0.68 -2.61
N TYR A 382 6.65 -0.60 -2.89
CA TYR A 382 7.11 0.14 -4.05
C TYR A 382 7.27 -0.71 -5.31
N THR A 383 7.25 -2.04 -5.21
CA THR A 383 7.26 -2.87 -6.40
C THR A 383 5.99 -2.64 -7.21
N ASP A 384 6.13 -2.62 -8.53
CA ASP A 384 4.99 -2.72 -9.43
C ASP A 384 4.76 -4.21 -9.73
N TRP A 385 3.69 -4.80 -9.17
CA TRP A 385 3.54 -6.25 -9.28
C TRP A 385 3.01 -6.70 -10.64
N LEU A 386 2.68 -5.78 -11.54
CA LEU A 386 2.47 -6.17 -12.93
C LEU A 386 3.77 -6.21 -13.72
N HIS A 387 4.80 -5.49 -13.28
CA HIS A 387 6.09 -5.48 -13.95
C HIS A 387 7.18 -5.47 -12.89
N PRO A 388 7.25 -6.51 -12.06
CA PRO A 388 8.13 -6.47 -10.88
C PRO A 388 9.62 -6.34 -11.22
N GLU A 389 10.02 -6.60 -12.46
CA GLU A 389 11.43 -6.56 -12.82
C GLU A 389 11.76 -5.53 -13.90
N ASP A 390 10.81 -4.67 -14.27
CA ASP A 390 11.07 -3.66 -15.28
C ASP A 390 12.10 -2.65 -14.79
N PRO A 391 13.26 -2.53 -15.44
CA PRO A 391 14.33 -1.65 -14.93
C PRO A 391 13.96 -0.19 -14.83
N THR A 392 13.13 0.34 -15.73
CA THR A 392 12.73 1.74 -15.62
C THR A 392 11.86 1.96 -14.39
N HIS A 393 10.89 1.08 -14.13
CA HIS A 393 10.10 1.24 -12.92
C HIS A 393 10.95 1.12 -11.67
N LEU A 394 11.85 0.14 -11.64
CA LEU A 394 12.71 -0.03 -10.46
C LEU A 394 13.58 1.20 -10.23
N ARG A 395 14.13 1.77 -11.30
CA ARG A 395 14.90 3.00 -11.14
C ARG A 395 14.05 4.10 -10.50
N ASP A 396 12.86 4.33 -11.05
CA ASP A 396 12.01 5.39 -10.54
C ASP A 396 11.48 5.08 -9.15
N ALA A 397 11.25 3.80 -8.84
CA ALA A 397 10.81 3.43 -7.49
C ALA A 397 11.89 3.67 -6.46
N MET A 398 13.15 3.39 -6.81
CA MET A 398 14.26 3.70 -5.92
C MET A 398 14.32 5.19 -5.63
N SER A 399 14.17 6.01 -6.66
CA SER A 399 14.13 7.45 -6.45
C SER A 399 12.99 7.84 -5.52
N ALA A 400 11.82 7.22 -5.71
CA ALA A 400 10.65 7.56 -4.90
C ALA A 400 10.81 7.11 -3.46
N VAL A 401 11.43 5.94 -3.23
CA VAL A 401 11.72 5.49 -1.87
C VAL A 401 12.53 6.56 -1.12
N VAL A 402 13.61 7.03 -1.74
CA VAL A 402 14.52 7.95 -1.04
C VAL A 402 13.87 9.31 -0.85
N GLY A 403 13.13 9.79 -1.86
CA GLY A 403 12.46 11.08 -1.74
C GLY A 403 11.28 11.05 -0.78
N ASP A 404 10.46 9.99 -0.84
CA ASP A 404 9.32 9.87 0.05
C ASP A 404 9.77 9.78 1.51
N HIS A 405 10.73 8.91 1.77
CA HIS A 405 11.18 8.65 3.14
C HIS A 405 11.85 9.88 3.75
N ASN A 406 12.63 10.60 2.96
CA ASN A 406 13.43 11.69 3.53
C ASN A 406 12.75 13.06 3.44
N VAL A 407 11.87 13.28 2.46
CA VAL A 407 11.35 14.64 2.28
C VAL A 407 9.83 14.68 2.24
N VAL A 408 9.22 13.99 1.27
CA VAL A 408 7.80 14.18 1.00
C VAL A 408 6.96 13.82 2.22
N CYS A 409 7.20 12.65 2.82
CA CYS A 409 6.36 12.22 3.93
C CYS A 409 6.69 12.95 5.23
N PRO A 410 7.96 13.25 5.51
CA PRO A 410 8.24 14.22 6.60
C PRO A 410 7.55 15.57 6.40
N VAL A 411 7.47 16.06 5.16
CA VAL A 411 6.77 17.33 4.93
C VAL A 411 5.27 17.15 5.12
N ALA A 412 4.72 16.06 4.58
CA ALA A 412 3.29 15.79 4.77
C ALA A 412 2.96 15.69 6.25
N GLN A 413 3.81 15.02 7.02
CA GLN A 413 3.56 14.92 8.45
C GLN A 413 3.62 16.30 9.13
N LEU A 414 4.64 17.10 8.80
CA LEU A 414 4.75 18.43 9.41
C LEU A 414 3.55 19.30 9.05
N ALA A 415 3.23 19.39 7.76
CA ALA A 415 2.05 20.15 7.34
C ALA A 415 0.79 19.71 8.08
N GLY A 416 0.60 18.39 8.23
CA GLY A 416 -0.59 17.89 8.90
C GLY A 416 -0.60 18.19 10.38
N ARG A 417 0.53 18.03 11.06
CA ARG A 417 0.59 18.36 12.48
C ARG A 417 0.45 19.86 12.71
N LEU A 418 1.18 20.68 11.93
CA LEU A 418 1.07 22.12 12.14
C LEU A 418 -0.36 22.59 11.93
N ALA A 419 -1.03 22.09 10.90
CA ALA A 419 -2.42 22.49 10.65
C ALA A 419 -3.33 22.04 11.77
N ALA A 420 -3.15 20.82 12.27
CA ALA A 420 -4.05 20.33 13.32
C ALA A 420 -3.80 21.10 14.61
N GLN A 421 -2.72 21.88 14.66
CA GLN A 421 -2.36 22.55 15.93
C GLN A 421 -2.52 24.06 15.78
N GLY A 422 -3.30 24.52 14.81
CA GLY A 422 -3.63 25.95 14.74
C GLY A 422 -2.88 26.78 13.71
N ALA A 423 -1.95 26.19 12.99
CA ALA A 423 -1.15 27.01 12.08
C ALA A 423 -1.85 27.16 10.74
N ARG A 424 -1.59 28.30 10.09
N ARG A 424 -1.57 28.28 10.08
CA ARG A 424 -1.97 28.50 8.70
CA ARG A 424 -1.97 28.52 8.70
C ARG A 424 -0.86 27.94 7.82
C ARG A 424 -0.87 27.96 7.81
N VAL A 425 -1.18 26.89 7.06
CA VAL A 425 -0.21 26.17 6.24
C VAL A 425 -0.60 26.31 4.77
N TYR A 426 0.39 26.56 3.92
CA TYR A 426 0.26 26.52 2.47
C TYR A 426 1.27 25.53 1.94
N ALA A 427 0.82 24.62 1.06
CA ALA A 427 1.66 23.54 0.58
C ALA A 427 1.73 23.54 -0.94
N TYR A 428 2.90 23.16 -1.48
CA TYR A 428 3.08 23.12 -2.93
C TYR A 428 3.90 21.91 -3.33
N ILE A 429 3.78 21.54 -4.61
CA ILE A 429 4.77 20.68 -5.24
C ILE A 429 5.31 21.42 -6.46
N PHE A 430 6.63 21.47 -6.57
CA PHE A 430 7.32 22.18 -7.65
C PHE A 430 7.69 21.18 -8.73
N GLU A 431 7.13 21.36 -9.93
CA GLU A 431 7.20 20.36 -10.99
C GLU A 431 7.92 20.81 -12.25
N HIS A 432 8.46 22.02 -12.32
CA HIS A 432 9.12 22.46 -13.54
C HIS A 432 10.59 22.12 -13.51
N ARG A 433 11.08 21.54 -14.60
CA ARG A 433 12.48 21.21 -14.79
C ARG A 433 13.14 22.33 -15.59
N ALA A 434 14.15 22.97 -15.01
CA ALA A 434 14.84 24.07 -15.68
C ALA A 434 15.34 23.62 -17.04
N SER A 435 15.09 24.45 -18.05
CA SER A 435 15.64 24.19 -19.38
C SER A 435 17.16 24.14 -19.37
N THR A 436 17.79 24.77 -18.37
CA THR A 436 19.24 24.86 -18.24
C THR A 436 19.82 23.73 -17.38
N LEU A 437 19.00 22.83 -16.86
CA LEU A 437 19.49 21.81 -15.94
C LEU A 437 20.47 20.89 -16.66
N THR A 438 21.60 20.58 -16.01
CA THR A 438 22.62 19.74 -16.62
C THR A 438 22.60 18.30 -16.13
N TRP A 439 21.82 17.99 -15.09
CA TRP A 439 21.60 16.61 -14.70
C TRP A 439 20.73 15.92 -15.75
N PRO A 440 20.85 14.59 -15.89
CA PRO A 440 20.09 13.88 -16.94
C PRO A 440 18.59 13.97 -16.72
N LEU A 441 17.83 13.68 -17.78
CA LEU A 441 16.37 13.81 -17.71
C LEU A 441 15.74 12.80 -16.77
N TRP A 442 16.33 11.61 -16.63
CA TRP A 442 15.73 10.62 -15.73
C TRP A 442 15.66 11.13 -14.29
N MET A 443 16.54 12.06 -13.91
N MET A 443 16.53 12.07 -13.92
CA MET A 443 16.47 12.63 -12.58
CA MET A 443 16.46 12.60 -12.57
C MET A 443 15.25 13.53 -12.36
C MET A 443 15.31 13.59 -12.37
N GLY A 444 14.57 13.93 -13.43
CA GLY A 444 13.36 14.73 -13.25
C GLY A 444 13.67 16.15 -12.75
N VAL A 445 12.91 16.58 -11.74
CA VAL A 445 13.16 17.85 -11.05
C VAL A 445 13.84 17.53 -9.74
N PRO A 446 15.16 17.61 -9.66
CA PRO A 446 15.86 17.09 -8.49
C PRO A 446 15.87 18.09 -7.34
N HIS A 447 16.09 17.53 -6.15
CA HIS A 447 16.30 18.26 -4.89
C HIS A 447 17.17 19.50 -5.11
N GLY A 448 16.62 20.68 -4.77
CA GLY A 448 17.38 21.91 -4.86
C GLY A 448 17.15 22.73 -6.10
N TYR A 449 16.44 22.22 -7.11
CA TYR A 449 16.37 22.91 -8.39
C TYR A 449 15.11 23.76 -8.54
N GLU A 450 14.40 24.05 -7.44
CA GLU A 450 13.46 25.16 -7.42
C GLU A 450 14.10 26.47 -6.97
N ILE A 451 15.23 26.40 -6.29
CA ILE A 451 15.78 27.58 -5.61
C ILE A 451 16.05 28.70 -6.61
N GLU A 452 16.70 28.37 -7.74
CA GLU A 452 17.06 29.38 -8.73
C GLU A 452 15.83 30.12 -9.26
N PHE A 453 14.64 29.51 -9.20
CA PHE A 453 13.42 30.17 -9.63
C PHE A 453 12.85 31.08 -8.55
N ILE A 454 12.90 30.64 -7.28
CA ILE A 454 12.45 31.47 -6.17
C ILE A 454 13.26 32.75 -6.10
N PHE A 455 14.59 32.64 -6.28
CA PHE A 455 15.46 33.81 -6.21
C PHE A 455 15.47 34.61 -7.50
N GLY A 456 14.75 34.17 -8.53
CA GLY A 456 14.58 34.98 -9.73
C GLY A 456 15.74 35.01 -10.69
N LEU A 457 16.66 34.04 -10.63
CA LEU A 457 17.76 34.00 -11.59
C LEU A 457 17.31 34.03 -13.05
N PRO A 458 16.16 33.44 -13.43
CA PRO A 458 15.73 33.53 -14.84
C PRO A 458 15.61 34.95 -15.37
N LEU A 459 15.54 35.95 -14.49
CA LEU A 459 15.46 37.35 -14.94
C LEU A 459 16.78 37.87 -15.48
N ASP A 460 17.88 37.21 -15.18
CA ASP A 460 19.19 37.58 -15.71
C ASP A 460 19.30 37.14 -17.16
N PRO A 461 19.36 38.07 -18.12
CA PRO A 461 19.35 37.67 -19.53
C PRO A 461 20.53 36.79 -19.91
N SER A 462 21.70 37.04 -19.30
CA SER A 462 22.89 36.23 -19.55
C SER A 462 22.68 34.72 -19.35
N LEU A 463 21.73 34.31 -18.51
CA LEU A 463 21.70 32.91 -18.08
C LEU A 463 20.92 31.97 -19.00
N ASN A 464 20.33 32.47 -20.08
CA ASN A 464 19.76 31.62 -21.15
C ASN A 464 18.50 30.85 -20.71
N TYR A 465 17.75 31.32 -19.71
CA TYR A 465 16.43 30.75 -19.47
C TYR A 465 15.47 31.19 -20.57
N THR A 466 14.35 30.46 -20.69
CA THR A 466 13.31 30.83 -21.65
C THR A 466 12.50 32.00 -21.11
N THR A 467 11.75 32.64 -22.02
CA THR A 467 10.87 33.74 -21.63
C THR A 467 9.81 33.26 -20.64
N GLU A 468 9.20 32.10 -20.91
CA GLU A 468 8.20 31.56 -20.00
C GLU A 468 8.81 31.26 -18.63
N GLU A 469 10.06 30.80 -18.59
CA GLU A 469 10.73 30.60 -17.30
C GLU A 469 10.93 31.92 -16.57
N ARG A 470 11.11 33.02 -17.32
CA ARG A 470 11.19 34.34 -16.70
C ARG A 470 9.86 34.73 -16.06
N ILE A 471 8.77 34.55 -16.80
CA ILE A 471 7.44 34.85 -16.27
C ILE A 471 7.13 33.95 -15.07
N PHE A 472 7.49 32.68 -15.16
CA PHE A 472 7.29 31.73 -14.07
C PHE A 472 8.03 32.17 -12.81
N ALA A 473 9.31 32.53 -12.95
CA ALA A 473 10.10 33.02 -11.83
C ALA A 473 9.43 34.20 -11.14
N GLN A 474 8.95 35.17 -11.93
CA GLN A 474 8.30 36.35 -11.38
C GLN A 474 7.05 35.98 -10.59
N ARG A 475 6.26 35.01 -11.10
CA ARG A 475 5.10 34.54 -10.34
C ARG A 475 5.54 33.97 -8.99
N LEU A 476 6.61 33.16 -8.98
CA LEU A 476 7.08 32.55 -7.74
C LEU A 476 7.56 33.60 -6.74
N MET A 477 8.37 34.55 -7.20
CA MET A 477 8.81 35.64 -6.33
C MET A 477 7.62 36.39 -5.74
N LYS A 478 6.55 36.56 -6.53
CA LYS A 478 5.32 37.15 -6.02
C LYS A 478 4.75 36.33 -4.86
N TYR A 479 4.60 35.02 -5.06
CA TYR A 479 4.06 34.14 -4.03
C TYR A 479 4.86 34.25 -2.74
N TRP A 480 6.19 34.16 -2.87
CA TRP A 480 7.04 34.16 -1.68
C TRP A 480 7.01 35.51 -0.97
N THR A 481 7.17 36.61 -1.72
CA THR A 481 7.16 37.92 -1.07
C THR A 481 5.77 38.28 -0.57
N ASN A 482 4.70 37.89 -1.28
CA ASN A 482 3.35 38.11 -0.76
C ASN A 482 3.16 37.39 0.57
N PHE A 483 3.68 36.15 0.66
CA PHE A 483 3.63 35.40 1.92
C PHE A 483 4.42 36.09 3.02
N ALA A 484 5.67 36.46 2.73
CA ALA A 484 6.45 37.29 3.65
C ALA A 484 5.67 38.51 4.13
N ARG A 485 4.99 39.19 3.22
CA ARG A 485 4.32 40.44 3.59
C ARG A 485 3.09 40.20 4.45
N THR A 486 2.32 39.15 4.17
CA THR A 486 0.97 39.03 4.70
C THR A 486 0.66 37.70 5.37
N GLY A 487 1.52 36.69 5.25
CA GLY A 487 1.13 35.35 5.63
C GLY A 487 0.23 34.67 4.62
N ASP A 488 0.14 35.20 3.41
CA ASP A 488 -0.75 34.69 2.38
C ASP A 488 -0.07 34.85 1.02
N PRO A 489 0.19 33.75 0.30
CA PRO A 489 0.87 33.88 -1.00
C PRO A 489 -0.01 34.47 -2.09
N ASN A 490 -1.33 34.57 -1.88
CA ASN A 490 -2.23 35.05 -2.91
C ASN A 490 -2.14 36.57 -3.05
N ASP A 491 -2.20 37.05 -4.28
CA ASP A 491 -2.22 38.49 -4.52
C ASP A 491 -3.54 39.06 -4.01
N PRO A 492 -3.52 40.00 -3.07
CA PRO A 492 -4.78 40.62 -2.62
C PRO A 492 -5.63 41.16 -3.76
N ARG A 493 -5.03 41.55 -4.88
CA ARG A 493 -5.79 41.97 -6.05
C ARG A 493 -6.23 40.76 -6.88
N ASP A 494 -5.44 40.41 -7.89
CA ASP A 494 -5.77 39.41 -8.91
C ASP A 494 -6.51 38.19 -8.36
N SER A 495 -7.84 38.30 -8.26
CA SER A 495 -8.69 37.15 -8.00
C SER A 495 -9.03 36.37 -9.26
N LYS A 496 -8.75 36.94 -10.44
CA LYS A 496 -8.87 36.18 -11.69
C LYS A 496 -7.93 34.97 -11.69
N SER A 497 -6.65 35.20 -11.41
CA SER A 497 -5.71 34.09 -11.31
C SER A 497 -6.18 33.11 -10.24
N PRO A 498 -5.99 31.81 -10.44
CA PRO A 498 -6.48 30.83 -9.47
C PRO A 498 -5.84 31.05 -8.11
N GLN A 499 -6.59 30.70 -7.06
CA GLN A 499 -6.18 30.98 -5.69
C GLN A 499 -5.56 29.75 -5.04
N TRP A 500 -4.63 30.01 -4.11
CA TRP A 500 -3.87 29.01 -3.37
C TRP A 500 -4.54 28.80 -2.02
N PRO A 501 -5.27 27.70 -1.81
CA PRO A 501 -5.97 27.50 -0.54
C PRO A 501 -5.03 27.00 0.53
N PRO A 502 -5.34 27.24 1.80
CA PRO A 502 -4.54 26.65 2.89
C PRO A 502 -4.62 25.13 2.91
N TYR A 503 -3.54 24.49 3.31
CA TYR A 503 -3.55 23.05 3.59
C TYR A 503 -4.29 22.79 4.89
N THR A 504 -5.28 21.89 4.86
CA THR A 504 -6.03 21.47 6.04
C THR A 504 -5.93 19.96 6.22
N THR A 505 -6.14 19.50 7.46
CA THR A 505 -6.21 18.07 7.68
C THR A 505 -7.38 17.45 6.95
N ALA A 506 -8.51 18.17 6.90
CA ALA A 506 -9.71 17.60 6.30
C ALA A 506 -9.63 17.53 4.78
N ALA A 507 -9.10 18.57 4.14
CA ALA A 507 -9.10 18.64 2.68
C ALA A 507 -7.73 18.39 2.06
N GLN A 508 -6.64 18.69 2.76
CA GLN A 508 -5.29 18.34 2.34
C GLN A 508 -4.93 18.93 0.97
N GLN A 509 -5.34 20.17 0.74
CA GLN A 509 -5.12 20.83 -0.53
C GLN A 509 -3.71 21.41 -0.64
N TYR A 510 -3.15 21.32 -1.84
CA TYR A 510 -1.86 21.92 -2.17
C TYR A 510 -1.90 22.27 -3.66
N VAL A 511 -0.91 23.04 -4.12
CA VAL A 511 -0.92 23.52 -5.50
C VAL A 511 0.29 23.00 -6.24
N SER A 512 0.11 22.78 -7.55
CA SER A 512 1.23 22.52 -8.44
C SER A 512 1.87 23.84 -8.86
N LEU A 513 3.19 23.92 -8.71
CA LEU A 513 3.96 25.06 -9.23
C LEU A 513 4.68 24.60 -10.50
N ASN A 514 4.15 25.00 -11.66
CA ASN A 514 4.80 24.75 -12.95
C ASN A 514 4.47 25.92 -13.88
N LEU A 515 4.79 25.75 -15.17
CA LEU A 515 4.58 26.82 -16.15
C LEU A 515 3.11 27.15 -16.38
N LYS A 516 2.20 26.24 -16.07
CA LYS A 516 0.78 26.53 -16.24
C LYS A 516 0.18 27.11 -14.97
N PRO A 517 -0.99 27.73 -15.05
CA PRO A 517 -1.58 28.36 -13.86
C PRO A 517 -1.82 27.37 -12.74
N LEU A 518 -1.86 27.90 -11.52
CA LEU A 518 -2.00 27.08 -10.31
C LEU A 518 -3.13 26.05 -10.45
N GLU A 519 -2.81 24.79 -10.18
CA GLU A 519 -3.80 23.72 -10.10
C GLU A 519 -3.82 23.21 -8.67
N VAL A 520 -5.00 23.12 -8.08
CA VAL A 520 -5.15 22.64 -6.72
C VAL A 520 -5.29 21.12 -6.74
N ARG A 521 -4.55 20.45 -5.87
CA ARG A 521 -4.61 19.00 -5.75
C ARG A 521 -4.84 18.63 -4.30
N ARG A 522 -5.33 17.40 -4.09
CA ARG A 522 -5.63 16.91 -2.75
C ARG A 522 -4.75 15.72 -2.40
N GLY A 523 -4.23 15.74 -1.17
CA GLY A 523 -3.48 14.62 -0.64
C GLY A 523 -2.02 14.59 -1.06
N LEU A 524 -1.13 14.88 -0.13
CA LEU A 524 0.30 14.86 -0.40
C LEU A 524 0.79 13.42 -0.26
N ARG A 525 0.71 12.68 -1.37
CA ARG A 525 1.10 11.27 -1.41
C ARG A 525 0.51 10.53 -0.22
N ALA A 526 -0.81 10.62 -0.09
CA ALA A 526 -1.46 10.28 1.17
C ALA A 526 -1.36 8.77 1.48
N GLN A 527 -1.61 7.92 0.49
CA GLN A 527 -1.53 6.48 0.76
C GLN A 527 -0.12 6.06 1.13
N THR A 528 0.86 6.46 0.32
CA THR A 528 2.25 6.06 0.59
C THR A 528 2.76 6.64 1.90
N CYS A 529 2.42 7.90 2.20
CA CYS A 529 2.96 8.49 3.41
C CYS A 529 2.34 7.90 4.68
N ALA A 530 1.13 7.35 4.59
CA ALA A 530 0.60 6.58 5.73
C ALA A 530 1.47 5.38 6.03
N PHE A 531 2.01 4.73 4.99
CA PHE A 531 3.01 3.69 5.20
C PHE A 531 4.19 4.21 6.00
N TRP A 532 4.82 5.28 5.52
CA TRP A 532 6.02 5.80 6.17
C TRP A 532 5.72 6.38 7.53
N ASN A 533 4.59 7.09 7.66
CA ASN A 533 4.37 7.92 8.85
C ASN A 533 3.60 7.20 9.95
N ARG A 534 2.75 6.24 9.60
CA ARG A 534 1.98 5.49 10.58
C ARG A 534 2.42 4.04 10.74
N PHE A 535 2.67 3.33 9.64
CA PHE A 535 2.94 1.90 9.78
C PHE A 535 4.40 1.62 10.13
N LEU A 536 5.34 2.16 9.35
CA LEU A 536 6.75 1.80 9.54
C LEU A 536 7.26 1.99 10.96
N PRO A 537 6.93 3.07 11.68
CA PRO A 537 7.41 3.17 13.07
C PRO A 537 6.92 2.04 13.96
N LYS A 538 5.69 1.55 13.75
CA LYS A 538 5.21 0.42 14.53
C LYS A 538 5.89 -0.88 14.12
N LEU A 539 6.26 -1.00 12.84
CA LEU A 539 6.97 -2.18 12.38
C LEU A 539 8.38 -2.24 12.94
N LEU A 540 9.09 -1.11 12.89
CA LEU A 540 10.45 -1.06 13.42
C LEU A 540 10.48 -1.28 14.93
N SER A 541 9.49 -0.74 15.66
CA SER A 541 9.45 -0.94 17.09
C SER A 541 9.21 -2.41 17.46
N ALA A 542 8.46 -3.15 16.62
CA ALA A 542 8.21 -4.56 16.91
C ALA A 542 9.39 -5.44 16.53
N THR A 543 10.11 -5.10 15.46
CA THR A 543 11.27 -5.90 15.05
C THR A 543 12.58 -5.35 15.63
N GLU B 4 -44.60 -46.58 -21.51
CA GLU B 4 -43.37 -46.17 -20.84
C GLU B 4 -42.31 -45.66 -21.84
N ASP B 5 -41.69 -44.53 -21.51
CA ASP B 5 -40.76 -43.87 -22.44
C ASP B 5 -39.39 -44.53 -22.38
N PRO B 6 -38.90 -45.13 -23.47
CA PRO B 6 -37.56 -45.75 -23.41
C PRO B 6 -36.43 -44.75 -23.18
N GLN B 7 -36.62 -43.50 -23.60
CA GLN B 7 -35.65 -42.47 -23.28
C GLN B 7 -35.47 -42.30 -21.78
N LEU B 8 -36.47 -42.66 -20.98
CA LEU B 8 -36.42 -42.48 -19.54
C LEU B 8 -35.99 -43.74 -18.80
N LEU B 9 -35.66 -44.81 -19.50
CA LEU B 9 -35.20 -46.03 -18.85
C LEU B 9 -33.73 -46.24 -19.15
N VAL B 10 -32.93 -46.40 -18.11
CA VAL B 10 -31.50 -46.58 -18.22
C VAL B 10 -31.05 -47.70 -17.30
N ARG B 11 -30.12 -48.52 -17.77
CA ARG B 11 -29.46 -49.51 -16.93
C ARG B 11 -28.06 -49.04 -16.59
N VAL B 12 -27.82 -48.82 -15.30
CA VAL B 12 -26.47 -48.58 -14.79
C VAL B 12 -26.01 -49.85 -14.09
N ARG B 13 -24.77 -49.84 -13.58
CA ARG B 13 -24.18 -51.05 -13.02
C ARG B 13 -24.97 -51.57 -11.83
N GLY B 14 -25.74 -50.73 -11.18
CA GLY B 14 -26.44 -51.16 -9.98
C GLY B 14 -27.83 -51.71 -10.24
N GLY B 15 -28.35 -51.51 -11.45
CA GLY B 15 -29.68 -51.92 -11.80
C GLY B 15 -30.33 -50.89 -12.71
N GLN B 16 -31.67 -50.92 -12.77
CA GLN B 16 -32.42 -50.11 -13.71
C GLN B 16 -32.98 -48.85 -13.05
N LEU B 17 -33.05 -47.77 -13.83
CA LEU B 17 -33.51 -46.47 -13.37
C LEU B 17 -34.61 -45.98 -14.29
N ARG B 18 -35.57 -45.27 -13.71
CA ARG B 18 -36.57 -44.54 -14.47
C ARG B 18 -36.40 -43.05 -14.17
N GLY B 19 -36.13 -42.27 -15.20
CA GLY B 19 -36.06 -40.82 -15.07
C GLY B 19 -37.37 -40.16 -15.44
N ILE B 20 -37.31 -38.84 -15.60
CA ILE B 20 -38.50 -38.05 -15.86
C ILE B 20 -38.18 -37.03 -16.95
N ARG B 21 -39.15 -36.78 -17.82
CA ARG B 21 -39.02 -35.78 -18.88
C ARG B 21 -39.40 -34.41 -18.33
N LEU B 22 -38.50 -33.45 -18.45
CA LEU B 22 -38.70 -32.11 -17.92
C LEU B 22 -38.82 -31.10 -19.06
N LYS B 23 -39.50 -29.99 -18.77
CA LYS B 23 -39.63 -28.88 -19.71
C LYS B 23 -38.55 -27.84 -19.41
N ALA B 24 -37.71 -27.58 -20.40
CA ALA B 24 -36.83 -26.43 -20.55
C ALA B 24 -37.41 -25.51 -21.62
N PRO B 25 -37.13 -24.20 -21.58
CA PRO B 25 -37.81 -23.27 -22.51
C PRO B 25 -37.72 -23.68 -23.97
N GLY B 26 -36.62 -24.31 -24.37
CA GLY B 26 -36.44 -24.67 -25.77
C GLY B 26 -36.87 -26.08 -26.13
N GLY B 27 -37.23 -26.89 -25.14
CA GLY B 27 -37.63 -28.25 -25.40
C GLY B 27 -37.41 -29.15 -24.20
N PRO B 28 -37.66 -30.44 -24.37
CA PRO B 28 -37.58 -31.37 -23.23
C PRO B 28 -36.15 -31.77 -22.90
N VAL B 29 -35.96 -32.16 -21.64
CA VAL B 29 -34.73 -32.79 -21.17
C VAL B 29 -35.10 -34.03 -20.36
N SER B 30 -34.14 -34.96 -20.26
CA SER B 30 -34.30 -36.15 -19.44
C SER B 30 -33.59 -35.91 -18.11
N ALA B 31 -34.27 -36.16 -17.01
CA ALA B 31 -33.69 -35.98 -15.69
C ALA B 31 -33.78 -37.27 -14.90
N PHE B 32 -32.65 -37.68 -14.31
CA PHE B 32 -32.57 -38.84 -13.46
C PHE B 32 -32.09 -38.34 -12.10
N LEU B 33 -33.03 -38.16 -11.18
CA LEU B 33 -32.79 -37.49 -9.91
C LEU B 33 -32.83 -38.47 -8.76
N GLY B 34 -31.94 -38.31 -7.79
CA GLY B 34 -31.98 -39.17 -6.62
C GLY B 34 -31.36 -40.54 -6.82
N ILE B 35 -30.34 -40.67 -7.65
CA ILE B 35 -29.67 -41.94 -7.89
C ILE B 35 -28.71 -42.21 -6.74
N PRO B 36 -28.85 -43.33 -6.02
CA PRO B 36 -27.92 -43.63 -4.93
C PRO B 36 -26.57 -44.03 -5.48
N PHE B 37 -25.50 -43.43 -4.92
CA PHE B 37 -24.15 -43.84 -5.29
C PHE B 37 -23.37 -44.39 -4.11
N ALA B 38 -23.98 -44.49 -2.94
CA ALA B 38 -23.30 -45.02 -1.77
C ALA B 38 -24.30 -45.67 -0.85
N GLU B 39 -23.82 -46.63 -0.05
CA GLU B 39 -24.61 -47.10 1.08
C GLU B 39 -24.91 -45.91 1.99
N PRO B 40 -26.14 -45.75 2.46
CA PRO B 40 -26.46 -44.66 3.39
C PRO B 40 -25.48 -44.63 4.54
N PRO B 41 -24.85 -43.47 4.81
CA PRO B 41 -23.82 -43.38 5.85
C PRO B 41 -24.40 -43.20 7.24
N VAL B 42 -25.17 -44.19 7.70
CA VAL B 42 -25.97 -44.02 8.91
C VAL B 42 -25.53 -45.00 9.99
N GLY B 43 -25.85 -44.66 11.22
CA GLY B 43 -25.47 -45.49 12.36
C GLY B 43 -23.96 -45.60 12.51
N SER B 44 -23.46 -46.82 12.34
CA SER B 44 -22.04 -47.10 12.49
C SER B 44 -21.21 -46.47 11.39
N ARG B 45 -21.82 -46.11 10.27
N ARG B 45 -21.82 -46.10 10.27
CA ARG B 45 -21.12 -45.49 9.16
CA ARG B 45 -21.08 -45.49 9.18
C ARG B 45 -20.93 -43.98 9.32
C ARG B 45 -20.93 -43.98 9.32
N ARG B 46 -21.51 -43.38 10.36
CA ARG B 46 -21.35 -41.96 10.58
C ARG B 46 -19.87 -41.64 10.78
N PHE B 47 -19.38 -40.61 10.07
CA PHE B 47 -17.99 -40.14 10.06
C PHE B 47 -17.07 -41.05 9.29
N MET B 48 -17.56 -42.18 8.72
CA MET B 48 -16.75 -43.14 8.01
C MET B 48 -16.73 -42.83 6.52
N PRO B 49 -15.68 -43.25 5.82
CA PRO B 49 -15.68 -43.15 4.35
C PRO B 49 -16.91 -43.82 3.77
N PRO B 50 -17.39 -43.34 2.61
CA PRO B 50 -18.55 -43.98 1.98
C PRO B 50 -18.18 -45.32 1.37
N GLU B 51 -19.21 -46.16 1.18
CA GLU B 51 -19.05 -47.43 0.48
C GLU B 51 -19.96 -47.44 -0.74
N PRO B 52 -19.57 -48.15 -1.81
CA PRO B 52 -20.42 -48.17 -3.02
C PRO B 52 -21.80 -48.77 -2.76
N LYS B 53 -22.80 -48.18 -3.41
CA LYS B 53 -24.18 -48.65 -3.28
C LYS B 53 -24.33 -50.09 -3.75
N ARG B 54 -25.07 -50.88 -2.97
CA ARG B 54 -25.34 -52.25 -3.36
C ARG B 54 -26.34 -52.26 -4.52
N PRO B 55 -26.24 -53.26 -5.41
CA PRO B 55 -27.24 -53.41 -6.48
C PRO B 55 -28.68 -53.45 -5.99
N TRP B 56 -29.63 -53.20 -6.88
CA TRP B 56 -31.04 -53.21 -6.52
C TRP B 56 -31.82 -53.93 -7.62
N SER B 57 -33.00 -54.40 -7.24
CA SER B 57 -33.92 -55.12 -8.11
C SER B 57 -34.97 -54.18 -8.72
N GLY B 58 -35.61 -54.64 -9.79
CA GLY B 58 -36.65 -53.85 -10.43
C GLY B 58 -36.14 -52.52 -10.98
N VAL B 59 -37.09 -51.59 -11.15
CA VAL B 59 -36.79 -50.24 -11.65
C VAL B 59 -36.84 -49.26 -10.49
N LEU B 60 -35.71 -48.62 -10.20
CA LEU B 60 -35.63 -47.63 -9.14
C LEU B 60 -36.11 -46.27 -9.64
N ASP B 61 -36.97 -45.64 -8.87
CA ASP B 61 -37.62 -44.40 -9.28
C ASP B 61 -36.65 -43.24 -9.11
N ALA B 62 -36.18 -42.67 -10.23
CA ALA B 62 -35.26 -41.55 -10.18
C ALA B 62 -35.91 -40.29 -10.76
N THR B 63 -37.15 -40.02 -10.36
CA THR B 63 -37.91 -38.89 -10.87
C THR B 63 -37.97 -37.73 -9.88
N THR B 64 -37.33 -37.83 -8.72
CA THR B 64 -37.44 -36.77 -7.74
C THR B 64 -36.13 -36.63 -6.96
N PHE B 65 -35.86 -35.41 -6.52
CA PHE B 65 -34.72 -35.14 -5.68
C PHE B 65 -34.83 -35.90 -4.37
N GLN B 66 -33.70 -36.43 -3.92
CA GLN B 66 -33.59 -37.13 -2.65
C GLN B 66 -33.31 -36.14 -1.52
N ASN B 67 -33.23 -36.67 -0.29
CA ASN B 67 -33.03 -35.85 0.89
C ASN B 67 -31.73 -35.05 0.82
N VAL B 68 -31.71 -33.91 1.53
CA VAL B 68 -30.53 -33.07 1.74
C VAL B 68 -29.72 -33.61 2.91
N CYS B 69 -28.40 -33.70 2.76
CA CYS B 69 -27.53 -34.04 3.90
C CYS B 69 -27.82 -33.19 5.12
N TYR B 70 -27.85 -33.84 6.29
CA TYR B 70 -28.21 -33.11 7.51
C TYR B 70 -27.24 -31.96 7.74
N GLN B 71 -27.79 -30.79 8.07
CA GLN B 71 -27.00 -29.56 8.10
C GLN B 71 -27.72 -28.48 8.87
N TYR B 72 -26.96 -27.48 9.28
CA TYR B 72 -27.52 -26.25 9.83
C TYR B 72 -28.43 -25.58 8.81
N VAL B 73 -29.53 -25.00 9.30
CA VAL B 73 -30.46 -24.22 8.48
C VAL B 73 -30.37 -22.75 8.90
N ASP B 74 -30.13 -21.86 7.93
CA ASP B 74 -29.94 -20.45 8.25
C ASP B 74 -31.27 -19.77 8.59
N THR B 75 -31.28 -19.01 9.69
CA THR B 75 -32.50 -18.37 10.19
C THR B 75 -32.34 -16.87 10.37
N LEU B 76 -31.30 -16.26 9.78
CA LEU B 76 -31.04 -14.85 10.05
C LEU B 76 -32.18 -13.97 9.58
N TYR B 77 -32.69 -14.20 8.37
CA TYR B 77 -33.79 -13.43 7.81
C TYR B 77 -34.86 -14.41 7.36
N PRO B 78 -35.71 -14.88 8.27
CA PRO B 78 -36.65 -15.96 7.93
C PRO B 78 -37.66 -15.53 6.87
N GLY B 79 -37.77 -16.33 5.81
CA GLY B 79 -38.73 -16.04 4.76
C GLY B 79 -38.28 -15.04 3.72
N PHE B 80 -37.01 -14.67 3.72
CA PHE B 80 -36.44 -13.74 2.75
C PHE B 80 -35.73 -14.54 1.66
N GLU B 81 -36.06 -14.26 0.39
CA GLU B 81 -35.57 -15.10 -0.70
C GLU B 81 -34.05 -15.15 -0.75
N GLY B 82 -33.38 -14.03 -0.44
CA GLY B 82 -31.93 -14.00 -0.51
C GLY B 82 -31.24 -15.01 0.39
N THR B 83 -31.82 -15.30 1.56
CA THR B 83 -31.27 -16.33 2.41
C THR B 83 -31.93 -17.68 2.19
N GLU B 84 -33.25 -17.69 1.98
CA GLU B 84 -33.98 -18.95 1.84
C GLU B 84 -33.56 -19.71 0.57
N MET B 85 -33.08 -19.00 -0.45
CA MET B 85 -32.70 -19.66 -1.69
C MET B 85 -31.52 -20.59 -1.52
N TRP B 86 -30.80 -20.51 -0.39
CA TRP B 86 -29.67 -21.39 -0.10
C TRP B 86 -30.01 -22.47 0.93
N ASN B 87 -31.21 -22.44 1.50
CA ASN B 87 -31.58 -23.38 2.56
C ASN B 87 -32.06 -24.70 1.96
N PRO B 88 -32.02 -25.78 2.74
CA PRO B 88 -32.48 -27.08 2.22
C PRO B 88 -33.90 -26.97 1.67
N ASN B 89 -34.09 -27.46 0.45
CA ASN B 89 -35.41 -27.49 -0.17
C ASN B 89 -35.97 -28.91 -0.23
N ARG B 90 -35.36 -29.87 0.46
CA ARG B 90 -35.95 -31.18 0.71
C ARG B 90 -35.70 -31.54 2.17
N GLU B 91 -36.26 -32.67 2.60
CA GLU B 91 -36.13 -33.09 3.99
C GLU B 91 -34.67 -33.36 4.33
N LEU B 92 -34.31 -33.11 5.59
CA LEU B 92 -32.96 -33.39 6.06
C LEU B 92 -32.82 -34.85 6.46
N SER B 93 -31.69 -35.47 6.11
CA SER B 93 -31.41 -36.85 6.51
C SER B 93 -29.92 -37.12 6.39
N GLU B 94 -29.39 -37.95 7.28
CA GLU B 94 -28.03 -38.45 7.05
C GLU B 94 -28.00 -39.43 5.88
N ASP B 95 -29.16 -39.96 5.49
CA ASP B 95 -29.29 -40.82 4.33
C ASP B 95 -29.43 -39.89 3.13
N CYS B 96 -28.29 -39.38 2.63
CA CYS B 96 -28.39 -38.33 1.64
C CYS B 96 -27.45 -38.50 0.46
N LEU B 97 -26.79 -39.65 0.32
CA LEU B 97 -25.74 -39.81 -0.70
C LEU B 97 -26.39 -40.25 -2.02
N TYR B 98 -26.86 -39.27 -2.76
CA TYR B 98 -27.54 -39.46 -4.03
C TYR B 98 -27.01 -38.42 -5.02
N LEU B 99 -27.12 -38.73 -6.31
CA LEU B 99 -26.70 -37.79 -7.33
C LEU B 99 -27.78 -37.64 -8.38
N ASN B 100 -27.64 -36.61 -9.20
CA ASN B 100 -28.61 -36.21 -10.20
C ASN B 100 -27.93 -36.06 -11.55
N VAL B 101 -28.61 -36.50 -12.61
CA VAL B 101 -28.06 -36.47 -13.97
C VAL B 101 -29.10 -35.83 -14.87
N TRP B 102 -28.75 -34.71 -15.51
CA TRP B 102 -29.56 -34.14 -16.58
C TRP B 102 -28.88 -34.46 -17.90
N THR B 103 -29.64 -35.02 -18.81
N THR B 103 -29.65 -35.03 -18.82
CA THR B 103 -29.16 -35.24 -20.16
CA THR B 103 -29.19 -35.33 -20.17
C THR B 103 -30.14 -34.60 -21.12
C THR B 103 -30.20 -34.78 -21.16
N PRO B 104 -29.78 -34.44 -22.38
CA PRO B 104 -30.76 -34.01 -23.38
C PRO B 104 -31.76 -35.10 -23.73
N TYR B 105 -32.91 -34.64 -24.21
CA TYR B 105 -33.98 -35.49 -24.71
C TYR B 105 -34.13 -35.19 -26.21
N PRO B 106 -33.90 -36.16 -27.11
CA PRO B 106 -33.54 -37.56 -26.83
C PRO B 106 -32.10 -37.71 -26.35
N ARG B 107 -31.79 -38.84 -25.71
CA ARG B 107 -30.47 -39.09 -25.17
C ARG B 107 -29.41 -38.82 -26.25
N PRO B 108 -28.28 -38.22 -25.89
CA PRO B 108 -27.25 -37.89 -26.89
C PRO B 108 -26.85 -39.10 -27.74
N ALA B 109 -26.77 -38.88 -29.05
CA ALA B 109 -26.40 -39.94 -29.98
C ALA B 109 -24.91 -40.24 -29.96
N SER B 110 -24.08 -39.24 -29.68
CA SER B 110 -22.65 -39.42 -29.53
C SER B 110 -22.24 -39.12 -28.10
N PRO B 111 -21.08 -39.63 -27.65
CA PRO B 111 -20.64 -39.34 -26.28
C PRO B 111 -20.44 -37.85 -26.07
N THR B 112 -21.00 -37.33 -24.99
CA THR B 112 -21.11 -35.90 -24.77
C THR B 112 -20.30 -35.47 -23.54
N PRO B 113 -19.62 -34.32 -23.60
CA PRO B 113 -18.87 -33.85 -22.43
C PRO B 113 -19.76 -33.74 -21.21
N VAL B 114 -19.20 -34.10 -20.07
CA VAL B 114 -19.90 -34.15 -18.80
C VAL B 114 -19.44 -33.00 -17.93
N LEU B 115 -20.39 -32.27 -17.36
CA LEU B 115 -20.09 -31.29 -16.33
C LEU B 115 -20.59 -31.81 -14.99
N ILE B 116 -19.72 -31.77 -13.98
CA ILE B 116 -20.06 -32.23 -12.65
C ILE B 116 -20.00 -31.04 -11.71
N TRP B 117 -21.16 -30.65 -11.17
CA TRP B 117 -21.29 -29.55 -10.23
C TRP B 117 -21.07 -30.02 -8.79
N ILE B 118 -20.20 -29.30 -8.07
CA ILE B 118 -20.00 -29.50 -6.64
C ILE B 118 -20.45 -28.23 -5.92
N TYR B 119 -21.54 -28.32 -5.15
CA TYR B 119 -22.09 -27.12 -4.53
C TYR B 119 -21.19 -26.59 -3.42
N GLY B 120 -21.35 -25.30 -3.12
CA GLY B 120 -20.78 -24.67 -1.95
C GLY B 120 -21.73 -24.68 -0.76
N GLY B 121 -21.41 -23.81 0.21
CA GLY B 121 -22.11 -23.82 1.49
C GLY B 121 -21.17 -23.90 2.69
N GLY B 122 -19.94 -23.42 2.51
CA GLY B 122 -18.95 -23.36 3.58
C GLY B 122 -18.55 -24.69 4.20
N PHE B 123 -18.82 -25.80 3.50
CA PHE B 123 -18.60 -27.17 4.00
C PHE B 123 -19.53 -27.52 5.16
N TYR B 124 -20.49 -26.65 5.52
CA TYR B 124 -21.48 -26.96 6.55
C TYR B 124 -22.91 -27.02 6.01
N SER B 125 -23.13 -26.80 4.72
CA SER B 125 -24.47 -26.68 4.18
C SER B 125 -24.42 -26.90 2.68
N GLY B 126 -25.58 -26.90 2.05
CA GLY B 126 -25.70 -27.03 0.62
C GLY B 126 -26.42 -28.31 0.22
N ALA B 127 -26.88 -28.32 -1.04
CA ALA B 127 -27.60 -29.43 -1.61
C ALA B 127 -27.60 -29.29 -3.13
N ALA B 128 -27.59 -30.42 -3.83
CA ALA B 128 -27.67 -30.38 -5.29
C ALA B 128 -29.07 -30.16 -5.81
N SER B 129 -30.07 -30.08 -4.94
CA SER B 129 -31.46 -29.88 -5.35
C SER B 129 -31.87 -28.42 -5.42
N LEU B 130 -31.01 -27.49 -5.07
CA LEU B 130 -31.40 -26.09 -5.07
C LEU B 130 -31.78 -25.65 -6.48
N ASP B 131 -32.76 -24.74 -6.55
CA ASP B 131 -33.22 -24.22 -7.84
C ASP B 131 -32.09 -23.59 -8.66
N VAL B 132 -31.11 -22.96 -8.01
CA VAL B 132 -30.05 -22.29 -8.78
C VAL B 132 -29.05 -23.27 -9.37
N TYR B 133 -29.15 -24.56 -9.03
CA TYR B 133 -28.31 -25.60 -9.62
C TYR B 133 -29.07 -26.45 -10.63
N ASP B 134 -30.24 -25.99 -11.06
CA ASP B 134 -31.04 -26.71 -12.04
C ASP B 134 -30.28 -26.91 -13.35
N GLY B 135 -29.94 -28.16 -13.66
CA GLY B 135 -29.17 -28.51 -14.85
C GLY B 135 -29.93 -28.57 -16.17
N ARG B 136 -31.23 -28.31 -16.20
CA ARG B 136 -31.99 -28.50 -17.43
C ARG B 136 -31.59 -27.49 -18.51
N PHE B 137 -31.16 -26.29 -18.12
CA PHE B 137 -30.86 -25.29 -19.14
C PHE B 137 -29.57 -25.61 -19.87
N LEU B 138 -28.54 -25.98 -19.12
CA LEU B 138 -27.29 -26.40 -19.75
C LEU B 138 -27.50 -27.64 -20.62
N ALA B 139 -28.32 -28.58 -20.15
CA ALA B 139 -28.56 -29.80 -20.93
C ALA B 139 -29.33 -29.48 -22.21
N GLN B 140 -30.37 -28.65 -22.12
CA GLN B 140 -31.20 -28.40 -23.29
C GLN B 140 -30.50 -27.49 -24.28
N VAL B 141 -29.92 -26.38 -23.81
CA VAL B 141 -29.42 -25.38 -24.74
C VAL B 141 -28.07 -25.78 -25.30
N GLU B 142 -27.17 -26.26 -24.46
CA GLU B 142 -25.81 -26.60 -24.84
C GLU B 142 -25.62 -28.09 -25.09
N GLY B 143 -26.67 -28.90 -24.92
CA GLY B 143 -26.52 -30.32 -25.15
C GLY B 143 -25.62 -31.03 -24.18
N ALA B 144 -25.39 -30.46 -23.00
CA ALA B 144 -24.45 -31.06 -22.06
C ALA B 144 -25.12 -32.16 -21.24
N VAL B 145 -24.29 -33.07 -20.73
CA VAL B 145 -24.70 -33.98 -19.68
C VAL B 145 -24.21 -33.39 -18.37
N LEU B 146 -25.14 -33.05 -17.48
CA LEU B 146 -24.84 -32.40 -16.22
C LEU B 146 -25.10 -33.36 -15.06
N VAL B 147 -24.14 -33.45 -14.15
CA VAL B 147 -24.24 -34.29 -12.95
C VAL B 147 -24.01 -33.43 -11.72
N SER B 148 -24.75 -33.69 -10.66
CA SER B 148 -24.48 -33.09 -9.36
C SER B 148 -24.79 -34.09 -8.26
N MET B 149 -23.94 -34.10 -7.23
CA MET B 149 -24.07 -35.04 -6.12
C MET B 149 -24.27 -34.31 -4.81
N ASN B 150 -24.98 -34.96 -3.89
CA ASN B 150 -24.96 -34.55 -2.50
C ASN B 150 -23.71 -35.12 -1.85
N TYR B 151 -23.07 -34.35 -0.98
CA TYR B 151 -22.00 -34.89 -0.15
C TYR B 151 -22.21 -34.43 1.28
N ARG B 152 -21.69 -35.21 2.22
CA ARG B 152 -21.89 -34.90 3.62
C ARG B 152 -21.17 -33.59 3.98
N VAL B 153 -21.83 -32.77 4.80
CA VAL B 153 -21.31 -31.49 5.24
C VAL B 153 -21.29 -31.46 6.76
N GLY B 154 -20.68 -30.40 7.31
CA GLY B 154 -20.66 -30.27 8.77
C GLY B 154 -19.89 -31.39 9.43
N THR B 155 -20.25 -31.68 10.69
CA THR B 155 -19.60 -32.77 11.41
C THR B 155 -19.72 -34.09 10.65
N PHE B 156 -20.85 -34.33 10.00
CA PHE B 156 -21.06 -35.61 9.32
C PHE B 156 -20.06 -35.83 8.19
N GLY B 157 -19.66 -34.76 7.49
CA GLY B 157 -18.70 -34.91 6.40
C GLY B 157 -17.24 -34.63 6.75
N PHE B 158 -17.00 -33.88 7.84
CA PHE B 158 -15.64 -33.42 8.08
C PHE B 158 -15.18 -33.46 9.53
N LEU B 159 -16.01 -33.92 10.48
CA LEU B 159 -15.47 -34.15 11.81
C LEU B 159 -14.37 -35.19 11.73
N ALA B 160 -13.22 -34.89 12.34
CA ALA B 160 -12.05 -35.73 12.16
C ALA B 160 -11.29 -35.83 13.47
N LEU B 161 -10.99 -37.06 13.85
CA LEU B 161 -9.96 -37.35 14.85
C LEU B 161 -8.80 -37.92 14.05
N PRO B 162 -7.89 -37.08 13.56
CA PRO B 162 -6.89 -37.53 12.58
C PRO B 162 -6.08 -38.70 13.09
N GLY B 163 -5.94 -39.71 12.23
CA GLY B 163 -5.24 -40.93 12.60
C GLY B 163 -6.12 -42.02 13.16
N SER B 164 -7.35 -41.70 13.54
CA SER B 164 -8.29 -42.70 14.03
C SER B 164 -8.88 -43.49 12.87
N ARG B 165 -9.36 -44.69 13.18
CA ARG B 165 -10.00 -45.50 12.16
C ARG B 165 -11.44 -45.09 11.93
N GLU B 166 -12.12 -44.59 12.97
CA GLU B 166 -13.55 -44.33 12.91
C GLU B 166 -13.91 -42.91 12.47
N ALA B 167 -12.96 -41.98 12.44
CA ALA B 167 -13.23 -40.63 11.95
C ALA B 167 -11.95 -40.08 11.31
N PRO B 168 -11.57 -40.62 10.16
CA PRO B 168 -10.27 -40.25 9.56
C PRO B 168 -10.24 -38.87 8.94
N GLY B 169 -11.38 -38.20 8.82
CA GLY B 169 -11.48 -36.91 8.16
C GLY B 169 -11.77 -37.02 6.67
N ASN B 170 -12.23 -35.90 6.11
CA ASN B 170 -12.37 -35.71 4.66
C ASN B 170 -13.41 -36.64 4.02
N VAL B 171 -14.29 -37.28 4.79
CA VAL B 171 -15.19 -38.24 4.17
C VAL B 171 -16.18 -37.55 3.25
N GLY B 172 -16.53 -36.29 3.51
CA GLY B 172 -17.35 -35.55 2.56
C GLY B 172 -16.67 -35.37 1.22
N LEU B 173 -15.33 -35.28 1.21
CA LEU B 173 -14.62 -35.25 -0.06
C LEU B 173 -14.58 -36.63 -0.70
N LEU B 174 -14.45 -37.69 0.11
CA LEU B 174 -14.56 -39.04 -0.44
C LEU B 174 -15.94 -39.30 -1.03
N ASP B 175 -16.99 -38.73 -0.43
CA ASP B 175 -18.32 -38.81 -1.05
C ASP B 175 -18.28 -38.26 -2.47
N GLN B 176 -17.72 -37.05 -2.63
CA GLN B 176 -17.55 -36.48 -3.97
C GLN B 176 -16.77 -37.42 -4.89
N ARG B 177 -15.66 -37.97 -4.40
CA ARG B 177 -14.83 -38.84 -5.24
C ARG B 177 -15.60 -40.10 -5.67
N LEU B 178 -16.37 -40.69 -4.76
CA LEU B 178 -17.16 -41.86 -5.11
C LEU B 178 -18.15 -41.53 -6.23
N ALA B 179 -18.75 -40.34 -6.18
CA ALA B 179 -19.67 -39.92 -7.25
C ALA B 179 -18.93 -39.73 -8.57
N LEU B 180 -17.71 -39.21 -8.51
CA LEU B 180 -16.91 -39.05 -9.72
C LEU B 180 -16.63 -40.42 -10.35
N GLN B 181 -16.27 -41.40 -9.53
CA GLN B 181 -16.01 -42.72 -10.08
C GLN B 181 -17.29 -43.38 -10.56
N TRP B 182 -18.41 -43.09 -9.91
CA TRP B 182 -19.71 -43.53 -10.42
C TRP B 182 -19.94 -42.98 -11.83
N VAL B 183 -19.63 -41.69 -12.04
CA VAL B 183 -19.76 -41.10 -13.38
C VAL B 183 -18.88 -41.85 -14.38
N GLN B 184 -17.62 -42.15 -13.98
CA GLN B 184 -16.75 -42.93 -14.84
C GLN B 184 -17.39 -44.26 -15.24
N GLU B 185 -18.00 -44.96 -14.28
CA GLU B 185 -18.52 -46.30 -14.54
C GLU B 185 -19.85 -46.27 -15.28
N ASN B 186 -20.63 -45.19 -15.15
CA ASN B 186 -22.03 -45.27 -15.56
C ASN B 186 -22.47 -44.22 -16.55
N ILE B 187 -21.74 -43.12 -16.72
CA ILE B 187 -22.28 -41.99 -17.45
C ILE B 187 -22.44 -42.32 -18.93
N ALA B 188 -21.63 -43.23 -19.47
CA ALA B 188 -21.78 -43.63 -20.87
C ALA B 188 -23.17 -44.17 -21.17
N ALA B 189 -23.86 -44.72 -20.16
CA ALA B 189 -25.21 -45.21 -20.37
C ALA B 189 -26.22 -44.09 -20.55
N PHE B 190 -25.88 -42.88 -20.11
CA PHE B 190 -26.72 -41.71 -20.31
C PHE B 190 -26.35 -40.93 -21.57
N GLY B 191 -25.32 -41.37 -22.30
CA GLY B 191 -24.74 -40.63 -23.41
C GLY B 191 -23.58 -39.74 -23.04
N GLY B 192 -23.19 -39.71 -21.77
CA GLY B 192 -22.03 -38.93 -21.38
C GLY B 192 -20.74 -39.59 -21.82
N ASP B 193 -19.71 -38.76 -21.97
CA ASP B 193 -18.38 -39.21 -22.32
C ASP B 193 -17.51 -39.26 -21.05
N PRO B 194 -17.18 -40.44 -20.53
CA PRO B 194 -16.33 -40.48 -19.32
C PRO B 194 -14.91 -39.98 -19.57
N MET B 195 -14.49 -39.85 -20.83
CA MET B 195 -13.18 -39.31 -21.16
C MET B 195 -13.18 -37.80 -21.34
N SER B 196 -14.29 -37.12 -21.04
CA SER B 196 -14.31 -35.65 -21.01
C SER B 196 -15.20 -35.22 -19.85
N VAL B 197 -14.62 -35.13 -18.67
CA VAL B 197 -15.33 -34.77 -17.45
C VAL B 197 -14.75 -33.47 -16.92
N THR B 198 -15.60 -32.46 -16.74
CA THR B 198 -15.19 -31.18 -16.19
C THR B 198 -15.90 -30.97 -14.85
N LEU B 199 -15.11 -30.78 -13.79
CA LEU B 199 -15.70 -30.38 -12.52
C LEU B 199 -15.87 -28.86 -12.49
N PHE B 200 -16.98 -28.41 -11.92
CA PHE B 200 -17.11 -27.00 -11.59
C PHE B 200 -17.86 -26.89 -10.28
N GLY B 201 -17.52 -25.84 -9.52
CA GLY B 201 -18.10 -25.61 -8.21
C GLY B 201 -17.83 -24.20 -7.77
N GLU B 202 -18.56 -23.76 -6.74
CA GLU B 202 -18.48 -22.40 -6.24
C GLU B 202 -18.23 -22.41 -4.73
N SER B 203 -17.38 -21.49 -4.26
CA SER B 203 -17.05 -21.32 -2.84
C SER B 203 -16.50 -22.65 -2.31
N ALA B 204 -17.07 -23.23 -1.26
CA ALA B 204 -16.57 -24.50 -0.74
C ALA B 204 -16.54 -25.58 -1.83
N GLY B 205 -17.44 -25.51 -2.80
CA GLY B 205 -17.40 -26.45 -3.92
C GLY B 205 -16.21 -26.21 -4.84
N ALA B 206 -15.82 -24.96 -5.03
CA ALA B 206 -14.60 -24.66 -5.79
C ALA B 206 -13.37 -25.16 -5.04
N ALA B 207 -13.33 -24.92 -3.73
CA ALA B 207 -12.24 -25.46 -2.92
C ALA B 207 -12.17 -26.98 -3.02
N SER B 208 -13.34 -27.64 -3.06
CA SER B 208 -13.38 -29.10 -3.23
C SER B 208 -12.80 -29.49 -4.58
N VAL B 209 -13.25 -28.84 -5.65
CA VAL B 209 -12.65 -29.03 -6.97
C VAL B 209 -11.13 -28.89 -6.89
N GLY B 210 -10.66 -27.82 -6.25
CA GLY B 210 -9.22 -27.65 -6.06
C GLY B 210 -8.58 -28.82 -5.34
N MET B 211 -9.28 -29.39 -4.35
CA MET B 211 -8.65 -30.48 -3.61
C MET B 211 -8.61 -31.78 -4.41
N HIS B 212 -9.59 -32.00 -5.31
CA HIS B 212 -9.45 -33.10 -6.25
C HIS B 212 -8.27 -32.87 -7.20
N ILE B 213 -8.03 -31.62 -7.62
CA ILE B 213 -6.81 -31.32 -8.39
C ILE B 213 -5.57 -31.78 -7.64
N LEU B 214 -5.56 -31.63 -6.31
CA LEU B 214 -4.37 -31.84 -5.51
C LEU B 214 -4.28 -33.25 -4.86
N SER B 215 -5.23 -34.16 -5.13
CA SER B 215 -5.19 -35.50 -4.53
C SER B 215 -5.12 -36.52 -5.67
N LEU B 216 -4.02 -37.26 -5.75
CA LEU B 216 -3.78 -38.07 -6.94
C LEU B 216 -4.92 -39.06 -7.25
N PRO B 217 -5.52 -39.76 -6.29
CA PRO B 217 -6.60 -40.70 -6.67
C PRO B 217 -7.77 -40.04 -7.39
N SER B 218 -8.02 -38.74 -7.19
CA SER B 218 -9.10 -38.09 -7.95
C SER B 218 -8.71 -37.71 -9.37
N ARG B 219 -7.40 -37.57 -9.65
CA ARG B 219 -6.95 -37.05 -10.94
C ARG B 219 -7.37 -37.94 -12.11
N SER B 220 -7.47 -39.25 -11.88
CA SER B 220 -7.92 -40.10 -12.98
C SER B 220 -9.43 -40.05 -13.20
N LEU B 221 -10.17 -39.23 -12.46
CA LEU B 221 -11.62 -39.19 -12.59
C LEU B 221 -12.13 -37.93 -13.29
N PHE B 222 -11.24 -37.01 -13.69
CA PHE B 222 -11.69 -35.81 -14.39
C PHE B 222 -10.52 -35.26 -15.20
N HIS B 223 -10.86 -34.33 -16.09
CA HIS B 223 -9.91 -33.79 -17.05
C HIS B 223 -9.75 -32.28 -16.99
N ARG B 224 -10.78 -31.54 -16.59
CA ARG B 224 -10.72 -30.08 -16.51
C ARG B 224 -11.47 -29.65 -15.27
N ALA B 225 -11.29 -28.38 -14.87
CA ALA B 225 -11.81 -27.90 -13.59
C ALA B 225 -12.16 -26.42 -13.67
N VAL B 226 -13.25 -26.05 -13.00
CA VAL B 226 -13.68 -24.66 -12.87
C VAL B 226 -13.84 -24.37 -11.38
N LEU B 227 -13.23 -23.28 -10.93
CA LEU B 227 -13.24 -22.88 -9.52
C LEU B 227 -13.83 -21.49 -9.45
N GLN B 228 -15.10 -21.41 -9.07
CA GLN B 228 -15.79 -20.12 -8.95
C GLN B 228 -15.71 -19.65 -7.50
N SER B 229 -14.95 -18.58 -7.26
CA SER B 229 -15.00 -17.89 -5.96
C SER B 229 -14.57 -18.80 -4.80
N GLY B 230 -13.52 -19.59 -5.01
CA GLY B 230 -13.04 -20.46 -3.94
C GLY B 230 -11.83 -21.24 -4.41
N THR B 231 -11.04 -21.68 -3.44
CA THR B 231 -9.73 -22.25 -3.68
C THR B 231 -9.40 -23.24 -2.58
N PRO B 232 -8.58 -24.26 -2.85
CA PRO B 232 -8.15 -25.14 -1.76
C PRO B 232 -7.18 -24.47 -0.83
N ASN B 233 -6.32 -23.59 -1.36
CA ASN B 233 -5.46 -22.75 -0.54
C ASN B 233 -6.29 -21.65 0.10
N GLY B 234 -5.65 -20.82 0.92
CA GLY B 234 -6.33 -19.74 1.62
C GLY B 234 -6.70 -20.09 3.05
N PRO B 235 -7.32 -19.15 3.76
CA PRO B 235 -7.45 -19.28 5.22
C PRO B 235 -8.62 -20.11 5.73
N TRP B 236 -9.61 -20.49 4.93
CA TRP B 236 -10.79 -21.15 5.47
C TRP B 236 -11.03 -22.56 4.98
N ALA B 237 -10.38 -22.99 3.89
CA ALA B 237 -10.80 -24.22 3.23
C ALA B 237 -10.22 -25.47 3.88
N THR B 238 -9.14 -25.35 4.66
CA THR B 238 -8.56 -26.49 5.35
C THR B 238 -8.20 -26.14 6.78
N VAL B 239 -7.99 -27.19 7.57
CA VAL B 239 -7.43 -27.06 8.91
C VAL B 239 -6.33 -28.10 9.05
N SER B 240 -5.41 -27.82 9.95
CA SER B 240 -4.38 -28.77 10.32
C SER B 240 -5.01 -29.93 11.08
N ALA B 241 -4.25 -31.02 11.17
CA ALA B 241 -4.71 -32.18 11.92
C ALA B 241 -4.89 -31.84 13.39
N GLY B 242 -4.00 -31.00 13.93
CA GLY B 242 -4.09 -30.65 15.34
C GLY B 242 -5.33 -29.84 15.66
N GLU B 243 -5.70 -28.92 14.76
CA GLU B 243 -6.87 -28.08 15.02
C GLU B 243 -8.17 -28.85 14.80
N ALA B 244 -8.18 -29.80 13.85
CA ALA B 244 -9.37 -30.64 13.66
C ALA B 244 -9.60 -31.55 14.86
N ARG B 245 -8.53 -32.11 15.42
CA ARG B 245 -8.67 -32.89 16.64
C ARG B 245 -9.24 -32.04 17.77
N ARG B 246 -8.76 -30.79 17.90
CA ARG B 246 -9.23 -29.92 18.97
C ARG B 246 -10.72 -29.64 18.85
N ARG B 247 -11.19 -29.35 17.63
CA ARG B 247 -12.60 -29.01 17.45
C ARG B 247 -13.51 -30.21 17.65
N ALA B 248 -13.10 -31.37 17.17
CA ALA B 248 -13.89 -32.58 17.37
C ALA B 248 -14.00 -32.91 18.85
N THR B 249 -12.86 -32.88 19.56
CA THR B 249 -12.84 -33.06 21.00
C THR B 249 -13.72 -32.05 21.73
N LEU B 250 -13.70 -30.78 21.29
CA LEU B 250 -14.53 -29.78 21.94
C LEU B 250 -16.01 -30.03 21.68
N LEU B 251 -16.36 -30.34 20.43
CA LEU B 251 -17.75 -30.67 20.12
C LEU B 251 -18.23 -31.87 20.92
N ALA B 252 -17.40 -32.91 21.02
CA ALA B 252 -17.76 -34.06 21.83
C ALA B 252 -17.95 -33.67 23.28
N ARG B 253 -17.10 -32.77 23.80
CA ARG B 253 -17.31 -32.27 25.14
C ARG B 253 -18.67 -31.58 25.27
N LEU B 254 -19.05 -30.80 24.25
CA LEU B 254 -20.28 -30.02 24.32
C LEU B 254 -21.52 -30.91 24.26
N VAL B 255 -21.47 -32.02 23.54
CA VAL B 255 -22.62 -32.91 23.46
C VAL B 255 -22.53 -34.01 24.53
N GLY B 256 -21.57 -33.86 25.43
CA GLY B 256 -21.50 -34.73 26.61
C GLY B 256 -20.82 -36.07 26.41
N CYS B 257 -19.84 -36.15 25.51
CA CYS B 257 -19.17 -37.42 25.21
C CYS B 257 -17.81 -37.46 25.86
N PRO B 258 -17.64 -38.12 27.02
CA PRO B 258 -16.35 -38.20 27.71
C PRO B 258 -15.33 -39.02 26.93
N GLY B 264 -10.35 -40.05 27.25
CA GLY B 264 -10.87 -41.15 26.45
C GLY B 264 -10.22 -41.27 25.08
N ASN B 265 -9.96 -42.51 24.65
CA ASN B 265 -9.39 -42.75 23.34
C ASN B 265 -10.38 -42.39 22.24
N ASP B 266 -9.89 -42.39 21.00
CA ASP B 266 -10.73 -41.96 19.89
C ASP B 266 -11.95 -42.86 19.74
N THR B 267 -11.77 -44.18 19.90
CA THR B 267 -12.84 -45.14 19.64
C THR B 267 -14.05 -44.87 20.51
N GLU B 268 -13.84 -44.72 21.82
CA GLU B 268 -14.96 -44.44 22.72
C GLU B 268 -15.56 -43.07 22.46
N LEU B 269 -14.73 -42.06 22.19
CA LEU B 269 -15.26 -40.74 21.91
C LEU B 269 -16.17 -40.78 20.69
N ILE B 270 -15.68 -41.37 19.60
CA ILE B 270 -16.48 -41.44 18.38
C ILE B 270 -17.71 -42.32 18.55
N ALA B 271 -17.62 -43.37 19.37
CA ALA B 271 -18.79 -44.21 19.62
C ALA B 271 -19.91 -43.41 20.26
N CYS B 272 -19.58 -42.60 21.27
CA CYS B 272 -20.61 -41.83 21.94
C CYS B 272 -21.18 -40.76 21.01
N LEU B 273 -20.33 -40.15 20.18
CA LEU B 273 -20.81 -39.23 19.16
C LEU B 273 -21.79 -39.93 18.22
N ARG B 274 -21.51 -41.19 17.86
N ARG B 274 -21.52 -41.18 17.87
CA ARG B 274 -22.40 -41.92 16.96
CA ARG B 274 -22.41 -41.91 16.96
C ARG B 274 -23.78 -42.16 17.57
C ARG B 274 -23.78 -42.17 17.57
N THR B 275 -23.90 -42.14 18.90
CA THR B 275 -25.21 -42.27 19.54
C THR B 275 -26.01 -40.97 19.55
N ARG B 276 -25.39 -39.84 19.25
CA ARG B 276 -26.07 -38.57 19.38
C ARG B 276 -26.99 -38.34 18.18
N PRO B 277 -28.24 -37.93 18.41
CA PRO B 277 -29.09 -37.53 17.28
C PRO B 277 -28.44 -36.38 16.52
N ALA B 278 -28.82 -36.28 15.24
CA ALA B 278 -28.11 -35.41 14.29
C ALA B 278 -28.16 -33.95 14.73
N GLN B 279 -29.33 -33.46 15.12
CA GLN B 279 -29.49 -32.06 15.53
C GLN B 279 -28.67 -31.73 16.77
N ASP B 280 -28.35 -32.73 17.61
CA ASP B 280 -27.50 -32.48 18.76
C ASP B 280 -26.11 -32.02 18.33
N LEU B 281 -25.59 -32.59 17.24
CA LEU B 281 -24.28 -32.17 16.76
C LEU B 281 -24.37 -30.80 16.10
N VAL B 282 -25.39 -30.58 15.26
CA VAL B 282 -25.55 -29.30 14.60
C VAL B 282 -25.73 -28.18 15.63
N ASP B 283 -26.38 -28.47 16.75
CA ASP B 283 -26.64 -27.46 17.78
C ASP B 283 -25.35 -26.82 18.31
N HIS B 284 -24.25 -27.55 18.27
CA HIS B 284 -23.00 -27.05 18.83
C HIS B 284 -21.91 -26.87 17.78
N GLU B 285 -22.22 -27.16 16.52
CA GLU B 285 -21.23 -27.11 15.44
C GLU B 285 -20.50 -25.77 15.41
N TRP B 286 -21.25 -24.67 15.51
CA TRP B 286 -20.71 -23.34 15.34
C TRP B 286 -20.00 -22.82 16.60
N HIS B 287 -19.92 -23.63 17.65
CA HIS B 287 -19.38 -23.18 18.93
C HIS B 287 -17.93 -23.57 19.15
N VAL B 288 -17.26 -24.18 18.17
CA VAL B 288 -15.89 -24.67 18.36
C VAL B 288 -14.85 -23.84 17.64
N LEU B 289 -15.24 -22.75 16.96
CA LEU B 289 -14.25 -21.91 16.30
C LEU B 289 -13.36 -21.24 17.34
N PRO B 290 -12.05 -21.13 17.07
CA PRO B 290 -11.15 -20.58 18.10
C PRO B 290 -11.29 -19.08 18.34
N GLN B 291 -11.86 -18.33 17.40
CA GLN B 291 -12.04 -16.89 17.61
C GLN B 291 -13.39 -16.47 17.04
N GLU B 292 -13.89 -15.33 17.51
CA GLU B 292 -15.00 -14.67 16.84
C GLU B 292 -14.55 -14.29 15.44
N SER B 293 -15.31 -14.71 14.44
CA SER B 293 -14.82 -14.61 13.08
C SER B 293 -16.00 -14.62 12.12
N ILE B 294 -15.70 -14.32 10.86
CA ILE B 294 -16.60 -14.55 9.75
C ILE B 294 -15.77 -15.23 8.67
N PHE B 295 -16.47 -15.90 7.76
CA PHE B 295 -15.80 -16.64 6.68
C PHE B 295 -14.85 -17.66 7.27
N ARG B 296 -15.25 -18.26 8.40
CA ARG B 296 -14.53 -19.39 8.98
C ARG B 296 -15.57 -20.44 9.37
N PHE B 297 -15.23 -21.69 9.13
CA PHE B 297 -16.17 -22.78 9.29
C PHE B 297 -15.54 -23.88 10.13
N SER B 298 -16.33 -24.47 11.04
CA SER B 298 -15.77 -25.34 12.07
C SER B 298 -15.24 -26.66 11.50
N PHE B 299 -15.97 -27.30 10.59
CA PHE B 299 -15.61 -28.64 10.12
C PHE B 299 -15.44 -28.63 8.61
N VAL B 300 -14.19 -28.60 8.18
CA VAL B 300 -13.77 -28.42 6.80
C VAL B 300 -12.72 -29.47 6.50
N PRO B 301 -12.25 -29.62 5.25
CA PRO B 301 -11.20 -30.60 4.97
C PRO B 301 -9.98 -30.41 5.87
N VAL B 302 -9.32 -31.53 6.16
CA VAL B 302 -8.22 -31.55 7.11
C VAL B 302 -6.97 -32.02 6.37
N VAL B 303 -5.84 -31.38 6.66
CA VAL B 303 -4.59 -31.83 6.07
C VAL B 303 -4.19 -33.12 6.80
N ASP B 304 -4.62 -34.26 6.26
CA ASP B 304 -4.47 -35.56 6.91
C ASP B 304 -3.19 -36.30 6.53
N GLY B 305 -2.43 -35.80 5.56
CA GLY B 305 -1.37 -36.59 4.98
C GLY B 305 -1.85 -37.76 4.14
N ASP B 306 -3.12 -37.74 3.72
CA ASP B 306 -3.70 -38.85 2.97
C ASP B 306 -4.43 -38.33 1.75
N PHE B 307 -5.70 -37.93 1.90
CA PHE B 307 -6.35 -37.19 0.82
C PHE B 307 -5.52 -35.96 0.44
N LEU B 308 -5.06 -35.22 1.44
CA LEU B 308 -4.16 -34.08 1.25
C LEU B 308 -2.82 -34.47 1.84
N SER B 309 -1.85 -34.83 0.98
CA SER B 309 -0.55 -35.26 1.44
C SER B 309 0.23 -34.14 2.14
N ASP B 310 -0.07 -32.88 1.84
CA ASP B 310 0.53 -31.72 2.49
C ASP B 310 -0.48 -30.59 2.43
N THR B 311 -0.12 -29.42 2.93
CA THR B 311 -1.02 -28.29 2.84
C THR B 311 -1.26 -27.92 1.37
N PRO B 312 -2.43 -27.38 1.04
CA PRO B 312 -2.64 -26.92 -0.34
C PRO B 312 -1.56 -25.97 -0.83
N GLU B 313 -1.07 -25.08 0.03
CA GLU B 313 -0.01 -24.16 -0.40
C GLU B 313 1.24 -24.94 -0.81
N ALA B 314 1.67 -25.89 0.01
CA ALA B 314 2.83 -26.71 -0.37
C ALA B 314 2.57 -27.47 -1.66
N LEU B 315 1.35 -27.98 -1.85
CA LEU B 315 1.05 -28.81 -3.01
C LEU B 315 0.95 -27.99 -4.29
N ILE B 316 0.30 -26.83 -4.25
CA ILE B 316 0.29 -26.00 -5.45
C ILE B 316 1.67 -25.41 -5.73
N ASN B 317 2.54 -25.30 -4.72
CA ASN B 317 3.87 -24.73 -4.96
C ASN B 317 4.79 -25.74 -5.64
N THR B 318 4.57 -27.03 -5.40
CA THR B 318 5.48 -28.06 -5.89
C THR B 318 4.89 -28.94 -6.98
N GLY B 319 3.58 -28.91 -7.19
CA GLY B 319 2.97 -29.82 -8.14
C GLY B 319 3.35 -29.53 -9.58
N ASP B 320 3.12 -30.53 -10.42
CA ASP B 320 3.22 -30.38 -11.88
C ASP B 320 1.82 -30.46 -12.47
N PHE B 321 1.43 -29.40 -13.18
CA PHE B 321 0.08 -29.27 -13.69
C PHE B 321 0.05 -29.10 -15.20
N GLN B 322 1.07 -29.64 -15.88
CA GLN B 322 1.29 -29.34 -17.29
C GLN B 322 0.13 -29.78 -18.19
N ASP B 323 -0.65 -30.78 -17.79
CA ASP B 323 -1.76 -31.23 -18.63
C ASP B 323 -3.12 -30.83 -18.07
N LEU B 324 -3.16 -29.78 -17.26
CA LEU B 324 -4.39 -29.32 -16.61
C LEU B 324 -4.87 -28.03 -17.26
N GLN B 325 -6.18 -27.92 -17.43
CA GLN B 325 -6.83 -26.70 -17.87
C GLN B 325 -7.80 -26.27 -16.79
N VAL B 326 -7.72 -25.00 -16.37
CA VAL B 326 -8.49 -24.49 -15.26
C VAL B 326 -9.11 -23.16 -15.62
N LEU B 327 -10.36 -22.96 -15.22
CA LEU B 327 -11.04 -21.67 -15.33
C LEU B 327 -11.35 -21.21 -13.91
N VAL B 328 -10.91 -20.01 -13.55
CA VAL B 328 -11.07 -19.53 -12.17
C VAL B 328 -11.57 -18.09 -12.21
N GLY B 329 -12.27 -17.68 -11.16
CA GLY B 329 -12.76 -16.33 -11.18
C GLY B 329 -13.42 -15.94 -9.87
N VAL B 330 -13.83 -14.67 -9.81
CA VAL B 330 -14.40 -14.06 -8.62
C VAL B 330 -15.57 -13.20 -9.05
N VAL B 331 -16.44 -12.87 -8.10
CA VAL B 331 -17.47 -11.87 -8.31
C VAL B 331 -16.97 -10.55 -7.75
N LYS B 332 -17.65 -9.46 -8.10
CA LYS B 332 -17.14 -8.12 -7.82
C LYS B 332 -17.05 -7.84 -6.32
N ASP B 333 -17.97 -8.38 -5.50
CA ASP B 333 -18.05 -8.03 -4.07
C ASP B 333 -18.06 -9.29 -3.22
N GLU B 334 -16.94 -10.02 -3.22
CA GLU B 334 -16.90 -11.31 -2.55
C GLU B 334 -17.24 -11.19 -1.07
N GLY B 335 -16.96 -10.04 -0.46
CA GLY B 335 -17.00 -9.99 0.99
C GLY B 335 -18.29 -9.52 1.61
N SER B 336 -19.13 -8.83 0.84
CA SER B 336 -20.24 -8.08 1.42
C SER B 336 -21.22 -8.98 2.16
N TYR B 337 -21.50 -10.15 1.57
CA TYR B 337 -22.45 -11.10 2.13
C TYR B 337 -22.12 -11.44 3.58
N PHE B 338 -20.83 -11.58 3.88
CA PHE B 338 -20.43 -12.13 5.16
C PHE B 338 -20.52 -11.13 6.30
N LEU B 339 -20.55 -9.82 5.97
CA LEU B 339 -20.53 -8.80 7.01
C LEU B 339 -21.81 -8.80 7.82
N VAL B 340 -22.94 -9.08 7.18
CA VAL B 340 -24.24 -8.99 7.87
C VAL B 340 -24.42 -10.18 8.82
N TYR B 341 -23.45 -11.11 8.83
CA TYR B 341 -23.55 -12.32 9.66
C TYR B 341 -22.61 -12.27 10.87
N GLY B 342 -22.14 -11.09 11.26
CA GLY B 342 -21.28 -11.03 12.43
C GLY B 342 -20.77 -9.64 12.78
N VAL B 343 -20.41 -8.87 11.75
CA VAL B 343 -19.75 -7.58 11.95
C VAL B 343 -20.74 -6.54 12.47
N PRO B 344 -20.55 -6.03 13.69
CA PRO B 344 -21.43 -4.97 14.20
C PRO B 344 -21.45 -3.78 13.24
N GLY B 345 -22.65 -3.27 12.99
CA GLY B 345 -22.87 -2.14 12.11
C GLY B 345 -23.44 -2.50 10.75
N PHE B 346 -23.43 -3.78 10.37
CA PHE B 346 -23.83 -4.20 9.04
C PHE B 346 -25.17 -4.92 9.09
N SER B 347 -26.02 -4.60 8.11
CA SER B 347 -27.35 -5.17 8.03
C SER B 347 -27.83 -5.03 6.58
N LYS B 348 -28.60 -6.02 6.13
CA LYS B 348 -29.23 -5.95 4.83
C LYS B 348 -30.30 -4.87 4.75
N ASP B 349 -30.76 -4.35 5.89
CA ASP B 349 -31.91 -3.47 5.91
C ASP B 349 -31.57 -1.99 6.05
N ASN B 350 -30.30 -1.62 6.26
CA ASN B 350 -29.85 -0.24 6.18
C ASN B 350 -28.55 -0.19 5.39
N GLU B 351 -28.08 1.02 5.10
CA GLU B 351 -26.91 1.17 4.24
C GLU B 351 -25.60 0.82 4.94
N SER B 352 -25.64 0.47 6.23
CA SER B 352 -24.48 -0.06 6.95
C SER B 352 -23.29 0.89 6.86
N LEU B 353 -23.57 2.19 6.98
CA LEU B 353 -22.51 3.17 7.09
C LEU B 353 -21.87 3.04 8.46
N ILE B 354 -20.59 2.69 8.49
CA ILE B 354 -19.91 2.38 9.73
C ILE B 354 -18.92 3.48 10.08
N SER B 355 -18.61 3.57 11.37
CA SER B 355 -17.57 4.43 11.90
C SER B 355 -16.20 3.80 11.71
N ARG B 356 -15.16 4.59 12.01
N ARG B 356 -15.16 4.58 12.01
CA ARG B 356 -13.80 4.07 11.99
CA ARG B 356 -13.81 4.04 11.97
C ARG B 356 -13.61 3.01 13.06
C ARG B 356 -13.60 2.99 13.06
N ALA B 357 -14.16 3.22 14.25
CA ALA B 357 -14.01 2.25 15.33
C ALA B 357 -14.58 0.91 14.95
N GLN B 358 -15.76 0.91 14.33
CA GLN B 358 -16.38 -0.32 13.85
C GLN B 358 -15.57 -0.97 12.73
N PHE B 359 -14.83 -0.16 11.96
CA PHE B 359 -13.98 -0.75 10.93
C PHE B 359 -12.83 -1.53 11.55
N LEU B 360 -12.17 -0.92 12.54
CA LEU B 360 -11.11 -1.61 13.27
C LEU B 360 -11.64 -2.89 13.92
N ALA B 361 -12.81 -2.81 14.56
CA ALA B 361 -13.36 -3.99 15.21
C ALA B 361 -13.72 -5.07 14.17
N GLY B 362 -14.21 -4.65 13.00
CA GLY B 362 -14.55 -5.63 11.98
C GLY B 362 -13.33 -6.33 11.40
N VAL B 363 -12.20 -5.64 11.32
CA VAL B 363 -10.98 -6.25 10.81
C VAL B 363 -10.48 -7.37 11.74
N ARG B 364 -10.66 -7.24 13.06
CA ARG B 364 -10.29 -8.33 13.95
C ARG B 364 -11.19 -9.54 13.74
N ILE B 365 -12.46 -9.31 13.39
CA ILE B 365 -13.40 -10.40 13.15
C ILE B 365 -13.16 -11.01 11.78
N GLY B 366 -12.86 -10.17 10.79
CA GLY B 366 -12.61 -10.65 9.44
C GLY B 366 -11.24 -11.23 9.22
N VAL B 367 -10.27 -10.88 10.07
CA VAL B 367 -8.97 -11.53 10.00
C VAL B 367 -8.64 -12.08 11.38
N PRO B 368 -9.35 -13.11 11.83
CA PRO B 368 -9.31 -13.49 13.25
C PRO B 368 -7.97 -14.03 13.69
N GLN B 369 -7.10 -14.40 12.77
CA GLN B 369 -5.76 -14.87 13.08
C GLN B 369 -4.75 -13.73 13.18
N ALA B 370 -5.13 -12.49 12.87
CA ALA B 370 -4.16 -11.40 12.83
C ALA B 370 -3.71 -11.00 14.22
N SER B 371 -2.42 -10.80 14.38
CA SER B 371 -1.88 -10.08 15.53
C SER B 371 -2.34 -8.63 15.50
N ASP B 372 -2.07 -7.91 16.60
CA ASP B 372 -2.33 -6.48 16.64
C ASP B 372 -1.62 -5.78 15.48
N LEU B 373 -0.34 -6.08 15.29
CA LEU B 373 0.43 -5.41 14.26
C LEU B 373 -0.10 -5.72 12.87
N ALA B 374 -0.51 -6.98 12.64
CA ALA B 374 -1.03 -7.37 11.34
C ALA B 374 -2.39 -6.72 11.09
N ALA B 375 -3.22 -6.63 12.12
CA ALA B 375 -4.51 -5.96 12.00
C ALA B 375 -4.31 -4.48 11.71
N GLU B 376 -3.32 -3.85 12.36
N GLU B 376 -3.33 -3.86 12.37
CA GLU B 376 -3.03 -2.46 12.04
CA GLU B 376 -2.99 -2.47 12.06
C GLU B 376 -2.54 -2.32 10.60
C GLU B 376 -2.54 -2.33 10.62
N ALA B 377 -1.73 -3.29 10.13
CA ALA B 377 -1.30 -3.26 8.74
C ALA B 377 -2.49 -3.30 7.79
N VAL B 378 -3.47 -4.18 8.07
CA VAL B 378 -4.65 -4.27 7.21
C VAL B 378 -5.42 -2.96 7.21
N VAL B 379 -5.67 -2.40 8.41
CA VAL B 379 -6.44 -1.16 8.54
C VAL B 379 -5.76 -0.02 7.79
N LEU B 380 -4.44 0.08 7.89
CA LEU B 380 -3.77 1.20 7.26
C LEU B 380 -3.68 1.02 5.74
N HIS B 381 -3.64 -0.23 5.27
CA HIS B 381 -3.61 -0.48 3.83
C HIS B 381 -4.96 -0.18 3.18
N TYR B 382 -6.08 -0.48 3.87
CA TYR B 382 -7.40 -0.31 3.28
C TYR B 382 -8.07 1.02 3.60
N THR B 383 -7.56 1.77 4.58
CA THR B 383 -8.05 3.12 4.79
C THR B 383 -7.77 3.97 3.57
N ASP B 384 -8.74 4.78 3.17
CA ASP B 384 -8.53 5.84 2.19
C ASP B 384 -8.09 7.08 2.98
N TRP B 385 -6.78 7.37 2.97
CA TRP B 385 -6.27 8.46 3.80
C TRP B 385 -6.69 9.83 3.29
N LEU B 386 -7.29 9.91 2.10
CA LEU B 386 -7.93 11.16 1.69
C LEU B 386 -9.26 11.36 2.42
N HIS B 387 -9.94 10.27 2.75
CA HIS B 387 -11.20 10.32 3.50
C HIS B 387 -11.15 9.22 4.56
N PRO B 388 -10.30 9.39 5.58
CA PRO B 388 -10.10 8.30 6.55
C PRO B 388 -11.32 7.95 7.39
N GLU B 389 -12.29 8.84 7.51
CA GLU B 389 -13.44 8.61 8.37
C GLU B 389 -14.77 8.57 7.61
N ASP B 390 -14.73 8.57 6.30
CA ASP B 390 -15.98 8.55 5.52
C ASP B 390 -16.69 7.21 5.69
N PRO B 391 -17.93 7.18 6.17
CA PRO B 391 -18.60 5.89 6.43
C PRO B 391 -18.78 5.02 5.20
N THR B 392 -19.06 5.59 4.03
CA THR B 392 -19.24 4.78 2.82
C THR B 392 -17.96 4.07 2.42
N HIS B 393 -16.82 4.78 2.50
N HIS B 393 -16.80 4.75 2.50
CA HIS B 393 -15.52 4.19 2.20
CA HIS B 393 -15.58 4.03 2.14
C HIS B 393 -15.18 3.08 3.19
C HIS B 393 -15.21 3.00 3.20
N LEU B 394 -15.45 3.32 4.48
CA LEU B 394 -15.12 2.33 5.51
C LEU B 394 -15.98 1.08 5.37
N ARG B 395 -17.26 1.25 5.02
CA ARG B 395 -18.10 0.10 4.74
C ARG B 395 -17.56 -0.69 3.56
N ASP B 396 -17.31 -0.02 2.44
CA ASP B 396 -16.85 -0.72 1.25
C ASP B 396 -15.46 -1.33 1.48
N ALA B 397 -14.63 -0.70 2.32
CA ALA B 397 -13.32 -1.27 2.63
C ALA B 397 -13.46 -2.53 3.48
N MET B 398 -14.41 -2.55 4.41
CA MET B 398 -14.65 -3.75 5.22
C MET B 398 -15.00 -4.93 4.33
N SER B 399 -15.89 -4.71 3.35
CA SER B 399 -16.24 -5.73 2.39
C SER B 399 -15.02 -6.20 1.61
N ALA B 400 -14.20 -5.25 1.15
CA ALA B 400 -13.00 -5.59 0.38
C ALA B 400 -12.00 -6.41 1.19
N VAL B 401 -11.82 -6.07 2.48
CA VAL B 401 -10.92 -6.86 3.32
C VAL B 401 -11.36 -8.33 3.34
N VAL B 402 -12.65 -8.56 3.60
CA VAL B 402 -13.13 -9.92 3.74
C VAL B 402 -13.02 -10.66 2.40
N GLY B 403 -13.39 -9.98 1.30
CA GLY B 403 -13.38 -10.65 0.00
C GLY B 403 -11.97 -10.90 -0.52
N ASP B 404 -11.06 -9.95 -0.29
CA ASP B 404 -9.69 -10.11 -0.78
C ASP B 404 -8.96 -11.19 0.01
N HIS B 405 -9.05 -11.12 1.34
CA HIS B 405 -8.41 -12.10 2.21
C HIS B 405 -8.90 -13.51 1.91
N ASN B 406 -10.19 -13.69 1.71
CA ASN B 406 -10.75 -15.05 1.66
C ASN B 406 -10.88 -15.60 0.25
N VAL B 407 -11.09 -14.76 -0.78
CA VAL B 407 -11.36 -15.26 -2.12
C VAL B 407 -10.42 -14.68 -3.18
N VAL B 408 -10.38 -13.35 -3.35
CA VAL B 408 -9.71 -12.76 -4.51
C VAL B 408 -8.22 -13.10 -4.51
N CYS B 409 -7.54 -12.88 -3.39
CA CYS B 409 -6.11 -13.08 -3.31
C CYS B 409 -5.72 -14.56 -3.31
N PRO B 410 -6.46 -15.41 -2.60
CA PRO B 410 -6.24 -16.87 -2.80
C PRO B 410 -6.44 -17.34 -4.23
N VAL B 411 -7.42 -16.79 -4.93
CA VAL B 411 -7.62 -17.11 -6.35
C VAL B 411 -6.44 -16.61 -7.18
N ALA B 412 -5.96 -15.37 -6.91
CA ALA B 412 -4.78 -14.88 -7.63
C ALA B 412 -3.57 -15.76 -7.38
N GLN B 413 -3.35 -16.14 -6.13
CA GLN B 413 -2.24 -17.03 -5.81
C GLN B 413 -2.36 -18.37 -6.54
N LEU B 414 -3.55 -18.98 -6.53
CA LEU B 414 -3.71 -20.26 -7.23
C LEU B 414 -3.50 -20.11 -8.73
N ALA B 415 -4.15 -19.11 -9.34
CA ALA B 415 -3.98 -18.88 -10.77
C ALA B 415 -2.52 -18.74 -11.15
N GLY B 416 -1.77 -17.98 -10.36
CA GLY B 416 -0.38 -17.74 -10.71
C GLY B 416 0.48 -18.99 -10.53
N ARG B 417 0.25 -19.74 -9.46
CA ARG B 417 1.04 -20.94 -9.24
C ARG B 417 0.73 -22.00 -10.29
N LEU B 418 -0.55 -22.18 -10.62
CA LEU B 418 -0.91 -23.16 -11.65
C LEU B 418 -0.33 -22.77 -13.00
N ALA B 419 -0.48 -21.51 -13.39
CA ALA B 419 0.08 -21.04 -14.65
C ALA B 419 1.58 -21.26 -14.70
N ALA B 420 2.28 -20.91 -13.61
CA ALA B 420 3.73 -21.07 -13.57
C ALA B 420 4.17 -22.53 -13.67
N GLN B 421 3.30 -23.48 -13.36
CA GLN B 421 3.70 -24.88 -13.36
C GLN B 421 2.98 -25.66 -14.45
N GLY B 422 2.73 -25.01 -15.58
CA GLY B 422 2.36 -25.67 -16.81
C GLY B 422 0.88 -25.73 -17.11
N ALA B 423 0.03 -25.27 -16.20
CA ALA B 423 -1.41 -25.35 -16.41
C ALA B 423 -1.88 -24.27 -17.38
N ARG B 424 -2.87 -24.64 -18.18
CA ARG B 424 -3.64 -23.65 -18.94
C ARG B 424 -4.70 -23.05 -18.04
N VAL B 425 -4.66 -21.72 -17.84
CA VAL B 425 -5.50 -21.05 -16.86
C VAL B 425 -6.24 -19.90 -17.52
N TYR B 426 -7.55 -19.83 -17.30
CA TYR B 426 -8.38 -18.72 -17.72
C TYR B 426 -9.02 -18.08 -16.50
N ALA B 427 -9.04 -16.76 -16.46
CA ALA B 427 -9.47 -16.06 -15.26
C ALA B 427 -10.51 -15.01 -15.61
N TYR B 428 -11.45 -14.78 -14.68
CA TYR B 428 -12.51 -13.80 -14.90
C TYR B 428 -12.83 -13.07 -13.61
N ILE B 429 -13.46 -11.90 -13.77
CA ILE B 429 -14.22 -11.29 -12.70
C ILE B 429 -15.63 -11.04 -13.21
N PHE B 430 -16.60 -11.41 -12.40
CA PHE B 430 -18.01 -11.34 -12.76
C PHE B 430 -18.60 -10.08 -12.13
N GLU B 431 -19.12 -9.17 -12.95
CA GLU B 431 -19.47 -7.84 -12.47
C GLU B 431 -20.92 -7.46 -12.67
N HIS B 432 -21.77 -8.34 -13.18
CA HIS B 432 -23.17 -8.01 -13.36
C HIS B 432 -23.95 -8.36 -12.11
N ARG B 433 -24.72 -7.40 -11.61
CA ARG B 433 -25.61 -7.62 -10.49
C ARG B 433 -27.01 -7.93 -11.02
N ALA B 434 -27.58 -9.05 -10.59
CA ALA B 434 -28.87 -9.49 -11.09
C ALA B 434 -29.95 -8.46 -10.81
N SER B 435 -30.77 -8.16 -11.83
CA SER B 435 -31.91 -7.27 -11.65
C SER B 435 -32.91 -7.83 -10.65
N THR B 436 -32.91 -9.13 -10.43
CA THR B 436 -33.81 -9.81 -9.50
C THR B 436 -33.25 -9.92 -8.09
N LEU B 437 -32.04 -9.43 -7.84
CA LEU B 437 -31.40 -9.65 -6.55
C LEU B 437 -32.14 -8.91 -5.43
N THR B 438 -32.25 -9.57 -4.28
CA THR B 438 -33.05 -9.08 -3.16
C THR B 438 -32.22 -8.47 -2.04
N TRP B 439 -30.92 -8.72 -2.01
CA TRP B 439 -30.02 -8.03 -1.10
C TRP B 439 -29.88 -6.56 -1.50
N PRO B 440 -29.52 -5.69 -0.56
CA PRO B 440 -29.44 -4.24 -0.87
C PRO B 440 -28.32 -3.91 -1.86
N LEU B 441 -28.39 -2.68 -2.36
CA LEU B 441 -27.46 -2.24 -3.40
C LEU B 441 -26.03 -2.12 -2.90
N TRP B 442 -25.83 -1.78 -1.62
CA TRP B 442 -24.47 -1.61 -1.13
C TRP B 442 -23.68 -2.92 -1.15
N MET B 443 -24.36 -4.07 -1.16
CA MET B 443 -23.65 -5.35 -1.24
C MET B 443 -23.17 -5.67 -2.65
N GLY B 444 -23.60 -4.90 -3.65
CA GLY B 444 -23.06 -5.06 -5.00
C GLY B 444 -23.40 -6.41 -5.60
N VAL B 445 -22.37 -7.10 -6.10
CA VAL B 445 -22.53 -8.44 -6.64
C VAL B 445 -22.00 -9.42 -5.60
N PRO B 446 -22.84 -10.01 -4.76
CA PRO B 446 -22.35 -10.78 -3.62
C PRO B 446 -21.90 -12.19 -4.01
N HIS B 447 -21.06 -12.74 -3.14
CA HIS B 447 -20.64 -14.13 -3.18
C HIS B 447 -21.81 -15.05 -3.54
N GLY B 448 -21.70 -15.74 -4.67
CA GLY B 448 -22.66 -16.73 -5.07
C GLY B 448 -23.65 -16.31 -6.13
N TYR B 449 -23.69 -15.02 -6.50
CA TYR B 449 -24.76 -14.56 -7.38
C TYR B 449 -24.34 -14.50 -8.85
N GLU B 450 -23.26 -15.19 -9.22
CA GLU B 450 -23.01 -15.54 -10.61
C GLU B 450 -23.62 -16.90 -11.00
N ILE B 451 -23.91 -17.75 -10.01
CA ILE B 451 -24.29 -19.14 -10.29
C ILE B 451 -25.54 -19.20 -11.16
N GLU B 452 -26.59 -18.45 -10.79
CA GLU B 452 -27.84 -18.49 -11.54
C GLU B 452 -27.64 -18.18 -13.02
N PHE B 453 -26.61 -17.39 -13.36
CA PHE B 453 -26.32 -17.06 -14.76
C PHE B 453 -25.60 -18.19 -15.48
N ILE B 454 -24.58 -18.79 -14.85
CA ILE B 454 -23.89 -19.94 -15.41
C ILE B 454 -24.88 -21.06 -15.71
N PHE B 455 -25.82 -21.30 -14.80
CA PHE B 455 -26.77 -22.39 -15.01
C PHE B 455 -27.92 -22.03 -15.94
N GLY B 456 -28.03 -20.77 -16.37
CA GLY B 456 -28.99 -20.41 -17.39
C GLY B 456 -30.39 -20.09 -16.91
N LEU B 457 -30.58 -19.85 -15.63
CA LEU B 457 -31.91 -19.52 -15.10
C LEU B 457 -32.57 -18.35 -15.81
N PRO B 458 -31.88 -17.28 -16.21
CA PRO B 458 -32.57 -16.19 -16.95
C PRO B 458 -33.35 -16.67 -18.16
N LEU B 459 -32.97 -17.81 -18.77
CA LEU B 459 -33.70 -18.32 -19.93
C LEU B 459 -35.12 -18.75 -19.59
N ASP B 460 -35.46 -18.88 -18.32
CA ASP B 460 -36.82 -19.21 -17.92
C ASP B 460 -37.64 -17.92 -17.88
N PRO B 461 -38.62 -17.77 -18.77
CA PRO B 461 -39.36 -16.50 -18.83
C PRO B 461 -40.06 -16.15 -17.54
N SER B 462 -40.38 -17.16 -16.72
CA SER B 462 -41.19 -16.93 -15.53
C SER B 462 -40.44 -16.20 -14.42
N LEU B 463 -39.11 -16.14 -14.48
CA LEU B 463 -38.36 -15.56 -13.38
C LEU B 463 -38.07 -14.07 -13.56
N ASN B 464 -38.55 -13.46 -14.64
CA ASN B 464 -38.60 -12.01 -14.78
C ASN B 464 -37.23 -11.37 -14.95
N TYR B 465 -36.22 -12.11 -15.39
CA TYR B 465 -34.95 -11.50 -15.77
C TYR B 465 -35.15 -10.63 -17.01
N THR B 466 -34.25 -9.67 -17.21
CA THR B 466 -34.35 -8.84 -18.41
C THR B 466 -33.85 -9.59 -19.63
N THR B 467 -34.23 -9.08 -20.80
CA THR B 467 -33.80 -9.69 -22.07
C THR B 467 -32.28 -9.67 -22.23
N GLU B 468 -31.62 -8.60 -21.79
CA GLU B 468 -30.16 -8.58 -21.83
C GLU B 468 -29.57 -9.68 -20.95
N GLU B 469 -30.21 -9.96 -19.81
CA GLU B 469 -29.70 -10.99 -18.93
C GLU B 469 -29.86 -12.38 -19.54
N ARG B 470 -30.92 -12.60 -20.33
CA ARG B 470 -31.04 -13.85 -21.06
C ARG B 470 -29.88 -14.00 -22.03
N ILE B 471 -29.60 -12.95 -22.79
CA ILE B 471 -28.48 -12.95 -23.74
C ILE B 471 -27.16 -13.19 -23.02
N PHE B 472 -26.95 -12.48 -21.90
CA PHE B 472 -25.76 -12.66 -21.08
C PHE B 472 -25.64 -14.09 -20.55
N ALA B 473 -26.73 -14.65 -20.03
CA ALA B 473 -26.67 -16.02 -19.53
C ALA B 473 -26.26 -17.00 -20.63
N GLN B 474 -26.83 -16.84 -21.83
CA GLN B 474 -26.46 -17.71 -22.95
C GLN B 474 -24.97 -17.61 -23.26
N ARG B 475 -24.41 -16.41 -23.18
CA ARG B 475 -22.99 -16.22 -23.44
C ARG B 475 -22.15 -16.97 -22.40
N LEU B 476 -22.55 -16.90 -21.12
CA LEU B 476 -21.79 -17.60 -20.07
C LEU B 476 -21.93 -19.11 -20.19
N MET B 477 -23.14 -19.61 -20.44
CA MET B 477 -23.30 -21.03 -20.67
C MET B 477 -22.37 -21.52 -21.77
N LYS B 478 -22.14 -20.68 -22.78
CA LYS B 478 -21.28 -21.06 -23.90
C LYS B 478 -19.81 -21.04 -23.51
N TYR B 479 -19.35 -20.03 -22.74
CA TYR B 479 -17.98 -20.06 -22.23
C TYR B 479 -17.72 -21.33 -21.44
N TRP B 480 -18.63 -21.64 -20.50
CA TRP B 480 -18.42 -22.77 -19.60
C TRP B 480 -18.43 -24.09 -20.36
N THR B 481 -19.41 -24.28 -21.26
CA THR B 481 -19.48 -25.54 -21.99
C THR B 481 -18.40 -25.64 -23.06
N ASN B 482 -18.00 -24.51 -23.66
CA ASN B 482 -16.85 -24.55 -24.57
C ASN B 482 -15.59 -24.94 -23.81
N PHE B 483 -15.43 -24.42 -22.60
CA PHE B 483 -14.30 -24.84 -21.79
C PHE B 483 -14.39 -26.33 -21.45
N ALA B 484 -15.59 -26.82 -21.14
CA ALA B 484 -15.75 -28.25 -20.86
C ALA B 484 -15.37 -29.09 -22.08
N ARG B 485 -15.76 -28.64 -23.28
CA ARG B 485 -15.51 -29.42 -24.49
C ARG B 485 -14.04 -29.41 -24.87
N THR B 486 -13.37 -28.29 -24.70
CA THR B 486 -12.06 -28.08 -25.32
C THR B 486 -10.97 -27.65 -24.36
N GLY B 487 -11.29 -27.26 -23.13
CA GLY B 487 -10.28 -26.65 -22.28
C GLY B 487 -10.03 -25.19 -22.58
N ASP B 488 -10.80 -24.59 -23.49
CA ASP B 488 -10.69 -23.22 -23.94
C ASP B 488 -12.08 -22.62 -24.02
N PRO B 489 -12.38 -21.57 -23.24
CA PRO B 489 -13.75 -21.02 -23.26
C PRO B 489 -14.09 -20.25 -24.53
N ASN B 490 -13.14 -20.03 -25.45
CA ASN B 490 -13.44 -19.22 -26.62
C ASN B 490 -14.18 -20.06 -27.66
N ASP B 491 -15.21 -19.46 -28.26
CA ASP B 491 -15.96 -20.14 -29.32
C ASP B 491 -15.05 -20.42 -30.51
N PRO B 492 -14.89 -21.68 -30.92
CA PRO B 492 -14.02 -21.99 -32.07
C PRO B 492 -14.58 -21.53 -33.42
N ARG B 493 -15.77 -20.93 -33.46
CA ARG B 493 -16.34 -20.39 -34.68
C ARG B 493 -16.50 -18.88 -34.67
N ASP B 494 -16.56 -18.25 -33.49
CA ASP B 494 -16.59 -16.79 -33.42
C ASP B 494 -15.22 -16.25 -33.77
N SER B 495 -15.16 -15.43 -34.82
CA SER B 495 -13.91 -14.93 -35.39
C SER B 495 -13.73 -13.43 -35.15
N LYS B 496 -14.43 -12.89 -34.14
CA LYS B 496 -14.28 -11.46 -33.80
C LYS B 496 -13.12 -11.30 -32.82
N SER B 497 -12.76 -10.06 -32.47
CA SER B 497 -11.61 -9.83 -31.57
C SER B 497 -12.06 -9.47 -30.15
N PRO B 498 -12.80 -10.32 -29.41
CA PRO B 498 -13.09 -10.11 -28.02
C PRO B 498 -12.62 -11.45 -27.48
N GLN B 499 -11.38 -11.84 -27.74
CA GLN B 499 -10.94 -13.19 -27.33
C GLN B 499 -10.53 -13.23 -25.86
N TRP B 500 -10.87 -14.32 -25.17
CA TRP B 500 -10.50 -14.51 -23.77
C TRP B 500 -9.09 -15.08 -23.72
N PRO B 501 -8.09 -14.34 -23.25
CA PRO B 501 -6.72 -14.85 -23.29
C PRO B 501 -6.42 -15.66 -22.05
N PRO B 502 -5.43 -16.57 -22.12
CA PRO B 502 -5.02 -17.32 -20.93
C PRO B 502 -4.35 -16.43 -19.90
N TYR B 503 -4.63 -16.71 -18.63
CA TYR B 503 -3.93 -16.05 -17.54
C TYR B 503 -2.51 -16.59 -17.44
N THR B 504 -1.53 -15.70 -17.34
CA THR B 504 -0.14 -16.06 -17.23
C THR B 504 0.48 -15.25 -16.09
N THR B 505 1.64 -15.71 -15.59
CA THR B 505 2.29 -14.93 -14.55
C THR B 505 2.88 -13.64 -15.10
N ALA B 506 3.31 -13.63 -16.36
CA ALA B 506 3.90 -12.42 -16.94
C ALA B 506 2.86 -11.34 -17.15
N ALA B 507 1.81 -11.63 -17.93
CA ALA B 507 0.84 -10.61 -18.31
C ALA B 507 -0.39 -10.56 -17.41
N GLN B 508 -0.72 -11.65 -16.73
CA GLN B 508 -1.77 -11.63 -15.70
C GLN B 508 -3.11 -11.14 -16.26
N GLN B 509 -3.43 -11.56 -17.48
CA GLN B 509 -4.68 -11.14 -18.11
C GLN B 509 -5.87 -11.95 -17.60
N TYR B 510 -6.96 -11.24 -17.34
CA TYR B 510 -8.27 -11.82 -17.04
C TYR B 510 -9.31 -11.00 -17.77
N VAL B 511 -10.56 -11.46 -17.78
CA VAL B 511 -11.60 -10.72 -18.48
C VAL B 511 -12.73 -10.42 -17.50
N SER B 512 -13.50 -9.36 -17.81
CA SER B 512 -14.68 -9.02 -17.03
C SER B 512 -15.92 -9.62 -17.70
N LEU B 513 -16.76 -10.26 -16.90
CA LEU B 513 -18.02 -10.80 -17.37
C LEU B 513 -19.12 -9.87 -16.90
N ASN B 514 -19.76 -9.19 -17.85
CA ASN B 514 -20.88 -8.31 -17.55
C ASN B 514 -21.68 -8.15 -18.84
N LEU B 515 -22.62 -7.20 -18.85
CA LEU B 515 -23.52 -7.06 -19.99
C LEU B 515 -22.81 -6.59 -21.24
N LYS B 516 -21.67 -5.95 -21.10
CA LYS B 516 -20.91 -5.48 -22.25
C LYS B 516 -19.93 -6.55 -22.72
N PRO B 517 -19.41 -6.44 -23.95
CA PRO B 517 -18.53 -7.50 -24.46
C PRO B 517 -17.29 -7.68 -23.59
N LEU B 518 -16.71 -8.88 -23.67
CA LEU B 518 -15.46 -9.19 -22.97
C LEU B 518 -14.47 -8.05 -23.08
N GLU B 519 -13.92 -7.65 -21.95
CA GLU B 519 -12.83 -6.69 -21.88
C GLU B 519 -11.67 -7.35 -21.16
N VAL B 520 -10.44 -7.12 -21.64
CA VAL B 520 -9.25 -7.77 -21.10
C VAL B 520 -8.57 -6.82 -20.11
N ARG B 521 -8.32 -7.29 -18.90
CA ARG B 521 -7.64 -6.52 -17.88
C ARG B 521 -6.39 -7.26 -17.44
N ARG B 522 -5.47 -6.51 -16.84
CA ARG B 522 -4.20 -7.05 -16.41
C ARG B 522 -4.06 -6.84 -14.90
N GLY B 523 -3.79 -7.91 -14.18
CA GLY B 523 -3.52 -7.79 -12.75
C GLY B 523 -4.75 -7.91 -11.90
N LEU B 524 -4.87 -9.02 -11.17
CA LEU B 524 -6.03 -9.27 -10.31
C LEU B 524 -5.69 -8.75 -8.92
N ARG B 525 -6.03 -7.48 -8.68
N ARG B 525 -6.03 -7.48 -8.67
CA ARG B 525 -5.67 -6.75 -7.46
CA ARG B 525 -5.67 -6.78 -7.42
C ARG B 525 -4.22 -7.03 -7.06
C ARG B 525 -4.21 -7.02 -7.04
N ALA B 526 -3.32 -6.80 -8.03
CA ALA B 526 -1.93 -7.24 -7.89
C ALA B 526 -1.26 -6.62 -6.67
N GLN B 527 -1.41 -5.31 -6.49
CA GLN B 527 -0.75 -4.63 -5.37
C GLN B 527 -1.33 -5.10 -4.04
N THR B 528 -2.65 -5.09 -3.93
CA THR B 528 -3.29 -5.49 -2.68
C THR B 528 -3.02 -6.96 -2.36
N CYS B 529 -3.03 -7.84 -3.36
CA CYS B 529 -2.82 -9.26 -3.14
C CYS B 529 -1.38 -9.59 -2.82
N ALA B 530 -0.46 -8.76 -3.25
CA ALA B 530 0.93 -8.88 -2.81
C ALA B 530 1.04 -8.64 -1.30
N PHE B 531 0.30 -7.66 -0.80
CA PHE B 531 0.22 -7.48 0.65
C PHE B 531 -0.28 -8.75 1.34
N TRP B 532 -1.39 -9.29 0.86
CA TRP B 532 -1.95 -10.47 1.50
C TRP B 532 -1.07 -11.68 1.29
N ASN B 533 -0.58 -11.90 0.06
CA ASN B 533 0.09 -13.17 -0.24
C ASN B 533 1.57 -13.14 0.08
N ARG B 534 2.22 -11.98 0.04
CA ARG B 534 3.65 -11.90 0.26
C ARG B 534 4.02 -11.29 1.62
N PHE B 535 3.43 -10.15 1.97
CA PHE B 535 3.89 -9.47 3.18
C PHE B 535 3.31 -10.10 4.44
N LEU B 536 1.99 -10.15 4.54
CA LEU B 536 1.38 -10.51 5.81
C LEU B 536 1.80 -11.88 6.35
N PRO B 537 2.02 -12.91 5.52
CA PRO B 537 2.55 -14.16 6.11
C PRO B 537 3.91 -13.95 6.78
N LYS B 538 4.77 -13.07 6.27
CA LYS B 538 6.02 -12.79 6.96
C LYS B 538 5.79 -12.00 8.23
N LEU B 539 4.71 -11.25 8.31
CA LEU B 539 4.51 -10.43 9.49
C LEU B 539 3.94 -11.24 10.66
N LEU B 540 2.91 -12.05 10.40
CA LEU B 540 2.36 -12.89 11.46
C LEU B 540 3.41 -13.82 12.03
N SER B 541 4.27 -14.39 11.18
CA SER B 541 5.38 -15.21 11.66
C SER B 541 6.27 -14.42 12.62
N ALA B 542 6.77 -13.26 12.18
CA ALA B 542 7.70 -12.49 12.99
C ALA B 542 7.04 -12.02 14.29
N THR B 543 5.88 -11.39 14.18
CA THR B 543 5.21 -10.83 15.35
C THR B 543 3.69 -11.03 15.28
#